data_6KYT
#
_entry.id   6KYT
#
_cell.length_a   51.697
_cell.length_b   161.140
_cell.length_c   78.851
_cell.angle_alpha   90.000
_cell.angle_beta   99.628
_cell.angle_gamma   90.000
#
_symmetry.space_group_name_H-M   'P 1 21 1'
#
loop_
_entity.id
_entity.type
_entity.pdbx_description
1 polymer 'Endoribonuclease MazF9'
2 polymer 'Antitoxin MazE9'
3 water water
#
loop_
_entity_poly.entity_id
_entity_poly.type
_entity_poly.pdbx_seq_one_letter_code
_entity_poly.pdbx_strand_id
1 'polypeptide(L)'
;MADLMMRRGEIWQVDLDPARGSEANNQRPAVVVSNDRANATATRLGRGVITVVPVTSNIAKVYPFQVLLSATTTGLQVDC
KAQAEQIRSIATERLLRPIGRVSAAELAQLDEALKLHLDLWS
;
A,B,D,E,G,H,J,K
2 'polypeptide(L)'
;GPSQDPVKLSVSLSDDDVAILDAYVKRAGLPSRSAGLQHAIRVLRYPTLEDDYANAWQEWSAAGDTDAWEQTVGDGVGDA
PR
;
P,F,Q,C
#
# COMPACT_ATOMS: atom_id res chain seq x y z
N MET A 6 36.18 10.24 51.82
CA MET A 6 35.60 9.86 50.53
C MET A 6 34.16 10.31 50.43
N ARG A 7 33.90 11.31 49.59
CA ARG A 7 32.54 11.77 49.33
C ARG A 7 32.39 12.07 47.85
N ARG A 8 31.16 11.85 47.37
CA ARG A 8 30.84 12.09 45.97
C ARG A 8 31.12 13.54 45.61
N GLY A 9 31.79 13.74 44.47
CA GLY A 9 32.17 15.05 44.00
C GLY A 9 33.60 15.44 44.28
N GLU A 10 34.26 14.76 45.21
CA GLU A 10 35.66 15.07 45.51
C GLU A 10 36.55 14.62 44.37
N ILE A 11 37.58 15.42 44.09
CA ILE A 11 38.65 15.05 43.18
C ILE A 11 39.77 14.45 44.02
N TRP A 12 40.22 13.25 43.65
CA TRP A 12 41.28 12.57 44.37
C TRP A 12 42.41 12.19 43.42
N GLN A 13 43.60 12.05 43.97
CA GLN A 13 44.74 11.52 43.24
C GLN A 13 44.70 10.00 43.31
N VAL A 14 44.85 9.35 42.17
CA VAL A 14 44.65 7.92 42.02
C VAL A 14 45.96 7.28 41.60
N ASP A 15 46.30 6.17 42.25
CA ASP A 15 47.50 5.41 41.95
C ASP A 15 47.19 4.39 40.86
N LEU A 16 47.81 4.55 39.69
CA LEU A 16 47.60 3.67 38.55
C LEU A 16 48.76 2.72 38.32
N ASP A 17 49.58 2.48 39.34
CA ASP A 17 50.72 1.58 39.22
C ASP A 17 50.25 0.13 39.22
N PRO A 18 51.10 -0.80 38.75
CA PRO A 18 50.87 -2.23 38.98
C PRO A 18 51.24 -2.64 40.39
N GLU A 23 55.94 0.66 40.68
CA GLU A 23 56.94 1.29 39.82
C GLU A 23 57.07 2.78 40.11
N ALA A 24 57.04 3.59 39.05
CA ALA A 24 57.32 5.02 39.17
C ALA A 24 56.07 5.85 39.43
N ASN A 25 56.02 7.05 38.85
CA ASN A 25 54.98 8.04 39.15
C ASN A 25 53.88 7.95 38.10
N ASN A 26 52.87 7.13 38.38
CA ASN A 26 51.68 6.98 37.55
C ASN A 26 50.46 7.25 38.42
N GLN A 27 50.13 8.52 38.59
CA GLN A 27 49.02 8.96 39.44
C GLN A 27 48.24 10.05 38.72
N ARG A 28 46.91 9.99 38.83
CA ARG A 28 46.06 10.91 38.08
C ARG A 28 44.79 11.26 38.87
N PRO A 29 44.29 12.49 38.72
CA PRO A 29 43.07 12.88 39.43
C PRO A 29 41.82 12.27 38.83
N ALA A 30 40.79 12.12 39.67
CA ALA A 30 39.50 11.60 39.23
C ALA A 30 38.44 12.05 40.22
N VAL A 31 37.20 12.13 39.74
CA VAL A 31 36.08 12.56 40.57
C VAL A 31 35.37 11.32 41.12
N VAL A 32 35.00 11.35 42.40
CA VAL A 32 34.27 10.25 43.00
C VAL A 32 32.79 10.40 42.67
N VAL A 33 32.20 9.35 42.10
CA VAL A 33 30.79 9.38 41.70
C VAL A 33 29.96 8.28 42.37
N SER A 34 30.57 7.26 42.96
CA SER A 34 29.80 6.32 43.75
C SER A 34 29.27 7.00 45.00
N ASN A 35 28.11 6.56 45.46
CA ASN A 35 27.45 7.28 46.55
C ASN A 35 28.23 7.15 47.84
N ASP A 36 27.99 8.11 48.74
CA ASP A 36 28.80 8.25 49.96
C ASP A 36 28.76 6.99 50.82
N ARG A 37 27.65 6.28 50.81
CA ARG A 37 27.53 5.10 51.69
C ARG A 37 28.29 3.92 51.12
N ALA A 38 28.19 3.68 49.81
CA ALA A 38 29.06 2.71 49.16
C ALA A 38 30.52 3.07 49.40
N ASN A 39 30.84 4.36 49.40
CA ASN A 39 32.22 4.78 49.69
C ASN A 39 32.59 4.44 51.13
N ALA A 40 31.65 4.57 52.06
CA ALA A 40 31.94 4.29 53.46
C ALA A 40 32.09 2.79 53.70
N THR A 41 31.45 1.96 52.89
CA THR A 41 31.49 0.51 53.07
C THR A 41 32.37 -0.18 52.04
N ALA A 42 33.24 0.56 51.37
CA ALA A 42 33.90 0.03 50.18
C ALA A 42 34.92 -1.05 50.51
N THR A 43 35.53 -1.01 51.69
CA THR A 43 36.60 -1.96 52.02
C THR A 43 36.08 -3.30 52.52
N ARG A 44 34.78 -3.56 52.45
CA ARG A 44 34.23 -4.83 52.89
C ARG A 44 34.40 -5.91 51.82
N GLY A 48 37.21 -4.46 47.06
CA GLY A 48 36.45 -3.25 47.33
C GLY A 48 36.82 -2.11 46.40
N VAL A 49 35.82 -1.40 45.89
CA VAL A 49 36.03 -0.46 44.79
C VAL A 49 35.30 0.85 45.04
N ILE A 50 35.89 1.92 44.51
CA ILE A 50 35.28 3.25 44.42
C ILE A 50 35.11 3.56 42.95
N THR A 51 33.93 4.07 42.57
CA THR A 51 33.65 4.41 41.18
C THR A 51 34.01 5.87 40.95
N VAL A 52 34.92 6.12 39.99
CA VAL A 52 35.43 7.44 39.71
C VAL A 52 35.30 7.73 38.22
N VAL A 53 35.39 9.02 37.89
CA VAL A 53 35.38 9.51 36.52
C VAL A 53 36.72 10.19 36.28
N PRO A 54 37.49 9.76 35.27
CA PRO A 54 38.79 10.39 35.01
C PRO A 54 38.64 11.85 34.59
N VAL A 55 39.74 12.58 34.74
CA VAL A 55 39.78 14.02 34.51
C VAL A 55 41.01 14.33 33.67
N THR A 56 40.85 15.21 32.69
CA THR A 56 41.96 15.59 31.82
C THR A 56 42.03 17.10 31.67
N SER A 57 43.24 17.60 31.42
CA SER A 57 43.47 19.03 31.24
C SER A 57 43.24 19.49 29.80
N ASN A 58 43.15 18.56 28.85
CA ASN A 58 42.85 18.91 27.46
C ASN A 58 41.38 19.28 27.37
N ILE A 59 41.10 20.58 27.27
CA ILE A 59 39.73 21.08 27.22
C ILE A 59 39.51 21.81 25.90
N ALA A 60 40.26 21.43 24.87
CA ALA A 60 40.03 21.98 23.54
C ALA A 60 38.59 21.78 23.10
N LYS A 61 38.02 20.62 23.43
CA LYS A 61 36.61 20.33 23.21
C LYS A 61 36.02 19.73 24.47
N VAL A 62 34.75 20.03 24.72
CA VAL A 62 34.00 19.48 25.84
C VAL A 62 32.71 18.91 25.27
N TYR A 63 32.56 17.59 25.34
CA TYR A 63 31.43 16.90 24.74
C TYR A 63 30.31 16.75 25.76
N PRO A 64 29.09 16.44 25.30
CA PRO A 64 27.94 16.45 26.23
C PRO A 64 28.05 15.45 27.37
N PHE A 65 28.85 14.39 27.21
CA PHE A 65 29.09 13.44 28.29
C PHE A 65 30.31 13.81 29.13
N GLN A 66 30.79 15.04 29.01
CA GLN A 66 31.95 15.52 29.76
C GLN A 66 31.58 16.84 30.42
N VAL A 67 32.25 17.14 31.54
CA VAL A 67 31.90 18.30 32.36
C VAL A 67 33.15 19.12 32.66
N LEU A 68 33.08 20.43 32.45
CA LEU A 68 34.21 21.28 32.80
C LEU A 68 34.24 21.57 34.30
N LEU A 69 35.41 21.36 34.90
CA LEU A 69 35.66 21.62 36.31
C LEU A 69 36.56 22.84 36.41
N SER A 70 36.07 23.88 37.09
CA SER A 70 36.70 25.18 37.04
C SER A 70 37.76 25.31 38.13
N ALA A 71 38.98 25.60 37.69
CA ALA A 71 40.19 25.67 38.50
C ALA A 71 40.00 26.49 39.78
N THR A 72 38.99 27.35 39.80
CA THR A 72 38.70 28.13 41.00
C THR A 72 38.34 27.23 42.16
N THR A 73 37.42 26.28 41.94
CA THR A 73 37.03 25.38 43.01
C THR A 73 37.73 24.02 42.97
N THR A 74 38.33 23.61 41.84
CA THR A 74 38.90 22.26 41.79
C THR A 74 39.95 22.01 42.87
N GLY A 75 40.94 22.90 43.00
CA GLY A 75 42.20 22.54 43.61
C GLY A 75 43.24 22.07 42.60
N LEU A 76 42.82 21.78 41.36
CA LEU A 76 43.76 21.60 40.27
C LEU A 76 44.30 22.95 39.82
N GLN A 77 45.43 22.91 39.11
CA GLN A 77 46.09 24.15 38.70
C GLN A 77 45.37 24.83 37.54
N VAL A 78 44.68 24.05 36.68
CA VAL A 78 44.04 24.58 35.49
C VAL A 78 42.64 23.98 35.38
N ASP A 79 41.83 24.60 34.51
CA ASP A 79 40.52 24.05 34.20
C ASP A 79 40.68 22.67 33.59
N CYS A 80 39.82 21.75 34.02
CA CYS A 80 39.90 20.38 33.51
C CYS A 80 38.51 19.93 33.07
N LYS A 81 38.40 18.71 32.60
CA LYS A 81 37.10 18.13 32.27
C LYS A 81 37.04 16.69 32.77
N ALA A 82 35.90 16.35 33.36
CA ALA A 82 35.57 14.99 33.74
C ALA A 82 34.98 14.27 32.55
N GLN A 83 35.54 13.10 32.24
CA GLN A 83 35.14 12.30 31.09
C GLN A 83 34.25 11.16 31.59
N ALA A 84 32.96 11.45 31.72
CA ALA A 84 32.01 10.46 32.22
C ALA A 84 31.94 9.23 31.33
N GLU A 85 32.30 9.34 30.05
CA GLU A 85 32.33 8.18 29.17
C GLU A 85 33.47 7.23 29.52
N GLN A 86 34.35 7.60 30.45
CA GLN A 86 35.46 6.75 30.88
C GLN A 86 35.31 6.31 32.33
N ILE A 87 34.08 6.26 32.84
CA ILE A 87 33.84 5.90 34.23
C ILE A 87 34.45 4.54 34.53
N ARG A 88 35.03 4.42 35.73
CA ARG A 88 35.73 3.19 36.12
C ARG A 88 35.63 2.99 37.62
N SER A 89 35.38 1.75 38.04
CA SER A 89 35.43 1.37 39.44
C SER A 89 36.79 0.75 39.73
N ILE A 90 37.50 1.29 40.72
CA ILE A 90 38.90 0.98 40.97
C ILE A 90 39.07 0.59 42.44
N ALA A 91 40.16 -0.12 42.72
CA ALA A 91 40.44 -0.56 44.08
C ALA A 91 40.59 0.63 45.02
N THR A 92 40.01 0.50 46.21
CA THR A 92 40.02 1.60 47.17
C THR A 92 41.44 2.02 47.54
N GLU A 93 42.36 1.06 47.60
CA GLU A 93 43.75 1.33 47.94
C GLU A 93 44.43 2.25 46.93
N ARG A 94 43.81 2.53 45.79
CA ARG A 94 44.39 3.42 44.80
C ARG A 94 44.10 4.89 45.09
N LEU A 95 43.12 5.19 45.93
CA LEU A 95 42.76 6.56 46.27
C LEU A 95 43.81 7.11 47.23
N LEU A 96 44.75 7.89 46.71
CA LEU A 96 45.89 8.34 47.51
C LEU A 96 45.51 9.45 48.47
N ARG A 97 45.16 10.62 47.93
CA ARG A 97 44.90 11.81 48.74
C ARG A 97 43.85 12.65 48.05
N PRO A 98 43.07 13.42 48.79
CA PRO A 98 42.15 14.37 48.15
C PRO A 98 42.90 15.60 47.64
N ILE A 99 42.48 16.06 46.46
CA ILE A 99 43.00 17.27 45.86
C ILE A 99 41.99 18.41 45.92
N GLY A 100 40.69 18.11 45.81
CA GLY A 100 39.64 19.12 45.87
C GLY A 100 38.25 18.55 45.70
N ARG A 101 37.32 19.35 45.20
CA ARG A 101 35.94 18.89 44.98
C ARG A 101 35.27 19.82 43.99
N VAL A 102 34.33 19.26 43.23
CA VAL A 102 33.58 20.06 42.26
C VAL A 102 32.49 20.85 42.97
N SER A 103 32.04 21.91 42.31
CA SER A 103 30.93 22.69 42.84
C SER A 103 29.64 21.89 42.72
N ALA A 104 28.59 22.38 43.39
CA ALA A 104 27.29 21.72 43.30
C ALA A 104 26.77 21.74 41.87
N ALA A 105 26.98 22.85 41.16
CA ALA A 105 26.55 22.93 39.77
C ALA A 105 27.33 21.97 38.89
N GLU A 106 28.65 21.88 39.08
CA GLU A 106 29.46 20.94 38.32
C GLU A 106 29.05 19.50 38.61
N LEU A 107 28.65 19.22 39.85
CA LEU A 107 28.22 17.87 40.21
C LEU A 107 26.86 17.54 39.60
N ALA A 108 25.97 18.53 39.51
CA ALA A 108 24.71 18.31 38.81
C ALA A 108 24.96 18.06 37.33
N GLN A 109 25.86 18.83 36.71
CA GLN A 109 26.24 18.57 35.33
C GLN A 109 26.80 17.16 35.18
N LEU A 110 27.58 16.70 36.17
CA LEU A 110 28.13 15.35 36.10
C LEU A 110 27.02 14.30 36.23
N ASP A 111 26.01 14.58 37.05
CA ASP A 111 24.84 13.70 37.12
C ASP A 111 24.18 13.57 35.75
N GLU A 112 23.95 14.71 35.08
CA GLU A 112 23.33 14.68 33.76
C GLU A 112 24.20 13.93 32.75
N ALA A 113 25.52 14.15 32.80
CA ALA A 113 26.41 13.46 31.87
C ALA A 113 26.41 11.96 32.10
N LEU A 114 26.32 11.54 33.37
CA LEU A 114 26.27 10.12 33.68
C LEU A 114 24.97 9.49 33.20
N LYS A 115 23.84 10.17 33.43
CA LYS A 115 22.57 9.67 32.92
C LYS A 115 22.58 9.58 31.40
N LEU A 116 23.23 10.55 30.74
CA LEU A 116 23.31 10.53 29.29
C LEU A 116 24.13 9.34 28.80
N HIS A 117 25.34 9.17 29.36
CA HIS A 117 26.22 8.11 28.89
C HIS A 117 25.64 6.72 29.19
N LEU A 118 24.98 6.57 30.33
CA LEU A 118 24.48 5.27 30.76
C LEU A 118 23.01 5.05 30.41
N ASP A 119 22.37 5.99 29.72
CA ASP A 119 21.01 5.84 29.23
C ASP A 119 20.03 5.62 30.39
N LEU A 120 20.17 6.46 31.42
CA LEU A 120 19.39 6.32 32.65
C LEU A 120 18.32 7.41 32.70
N TRP A 121 17.06 6.98 32.86
CA TRP A 121 15.96 7.92 32.96
C TRP A 121 15.95 8.59 34.33
N SER A 122 15.28 9.74 34.40
CA SER A 122 15.16 10.48 35.66
C SER A 122 13.82 11.20 35.74
N ASP B 3 19.72 -11.77 17.61
CA ASP B 3 20.42 -10.77 16.82
C ASP B 3 21.24 -9.84 17.71
N LEU B 4 22.28 -10.40 18.33
CA LEU B 4 23.16 -9.60 19.17
C LEU B 4 24.06 -8.72 18.30
N MET B 5 24.08 -7.42 18.60
CA MET B 5 24.81 -6.46 17.79
C MET B 5 25.75 -5.59 18.62
N MET B 6 26.10 -6.02 19.82
CA MET B 6 26.85 -5.20 20.78
C MET B 6 26.03 -3.95 21.12
N ARG B 7 25.02 -4.12 21.96
CA ARG B 7 24.11 -3.04 22.32
C ARG B 7 23.77 -3.14 23.80
N ARG B 8 23.10 -2.11 24.31
CA ARG B 8 22.79 -2.05 25.73
C ARG B 8 21.85 -3.19 26.13
N GLY B 9 22.11 -3.77 27.30
CA GLY B 9 21.37 -4.91 27.78
C GLY B 9 21.94 -6.25 27.36
N GLU B 10 22.84 -6.28 26.39
CA GLU B 10 23.45 -7.52 25.96
C GLU B 10 24.51 -7.97 26.95
N ILE B 11 24.63 -9.28 27.09
CA ILE B 11 25.64 -9.90 27.95
C ILE B 11 26.76 -10.41 27.05
N TRP B 12 27.98 -9.98 27.32
CA TRP B 12 29.15 -10.44 26.59
C TRP B 12 30.20 -10.95 27.56
N GLN B 13 30.91 -12.00 27.16
CA GLN B 13 32.12 -12.40 27.86
C GLN B 13 33.26 -11.48 27.49
N VAL B 14 33.88 -10.88 28.51
CA VAL B 14 34.91 -9.86 28.39
C VAL B 14 36.13 -10.29 29.19
N ASP B 15 37.29 -9.75 28.79
CA ASP B 15 38.58 -9.99 29.42
C ASP B 15 38.92 -8.78 30.29
N LEU B 16 38.97 -8.98 31.61
CA LEU B 16 39.26 -7.91 32.55
C LEU B 16 40.64 -8.04 33.18
N ASP B 17 41.55 -8.76 32.53
CA ASP B 17 42.89 -8.84 33.08
C ASP B 17 43.76 -7.73 32.49
N PRO B 18 44.52 -7.00 33.32
CA PRO B 18 45.37 -5.92 32.77
C PRO B 18 46.36 -6.40 31.71
N ALA B 19 46.92 -7.59 31.89
CA ALA B 19 47.94 -8.09 30.97
C ALA B 19 47.35 -8.88 29.80
N ARG B 20 46.18 -9.49 29.98
CA ARG B 20 45.49 -10.26 28.95
C ARG B 20 46.25 -11.53 28.58
N GLY B 21 46.86 -11.55 27.39
CA GLY B 21 47.67 -12.65 26.89
C GLY B 21 47.47 -14.04 27.48
N SER B 22 48.57 -14.69 27.87
CA SER B 22 48.46 -15.97 28.57
C SER B 22 48.13 -15.80 30.04
N GLU B 23 47.72 -14.60 30.46
CA GLU B 23 47.37 -14.35 31.85
C GLU B 23 45.97 -14.91 32.11
N ALA B 24 45.87 -15.81 33.08
CA ALA B 24 44.64 -16.54 33.32
C ALA B 24 43.66 -15.75 34.17
N ASN B 25 42.38 -16.06 34.00
CA ASN B 25 41.28 -15.53 34.79
C ASN B 25 41.07 -14.03 34.61
N ASN B 26 40.29 -13.42 35.51
CA ASN B 26 39.71 -12.10 35.31
C ASN B 26 38.84 -12.06 34.05
N GLN B 27 38.20 -13.19 33.75
CA GLN B 27 37.45 -13.40 32.52
C GLN B 27 35.98 -13.54 32.90
N ARG B 28 35.19 -12.50 32.64
CA ARG B 28 33.87 -12.42 33.25
C ARG B 28 32.81 -12.08 32.22
N PRO B 29 31.56 -12.50 32.44
CA PRO B 29 30.45 -11.94 31.67
C PRO B 29 30.13 -10.54 32.17
N ALA B 30 29.50 -9.75 31.31
CA ALA B 30 29.22 -8.36 31.65
C ALA B 30 28.08 -7.86 30.79
N VAL B 31 27.29 -6.94 31.36
CA VAL B 31 26.16 -6.35 30.67
C VAL B 31 26.58 -4.99 30.13
N VAL B 32 26.29 -4.75 28.85
CA VAL B 32 26.59 -3.44 28.28
C VAL B 32 25.57 -2.43 28.79
N VAL B 33 26.05 -1.30 29.30
CA VAL B 33 25.16 -0.29 29.88
C VAL B 33 25.42 1.08 29.27
N SER B 34 26.45 1.19 28.44
CA SER B 34 26.63 2.43 27.68
C SER B 34 25.49 2.58 26.68
N ASN B 35 25.16 3.82 26.34
CA ASN B 35 24.03 4.04 25.46
C ASN B 35 24.36 3.55 24.04
N ASP B 36 23.30 3.32 23.27
CA ASP B 36 23.45 2.65 21.98
C ASP B 36 23.90 3.58 20.87
N ARG B 37 23.93 4.89 21.09
CA ARG B 37 24.62 5.75 20.14
C ARG B 37 26.13 5.56 20.26
N ALA B 38 26.63 5.49 21.49
CA ALA B 38 28.03 5.11 21.70
C ALA B 38 28.31 3.71 21.17
N ASN B 39 27.47 2.74 21.55
CA ASN B 39 27.72 1.36 21.14
C ASN B 39 27.70 1.24 19.61
N ALA B 40 26.70 1.83 18.96
CA ALA B 40 26.63 1.80 17.51
C ALA B 40 27.83 2.49 16.88
N THR B 41 28.34 3.55 17.50
CA THR B 41 29.54 4.20 16.98
C THR B 41 30.75 3.27 17.09
N ALA B 42 30.88 2.56 18.21
CA ALA B 42 31.99 1.63 18.38
C ALA B 42 31.94 0.49 17.37
N THR B 43 30.73 -0.01 17.10
CA THR B 43 30.60 -1.08 16.12
C THR B 43 30.86 -0.57 14.70
N ARG B 44 30.43 0.66 14.40
CA ARG B 44 30.69 1.22 13.08
C ARG B 44 32.19 1.41 12.85
N LEU B 45 32.90 1.93 13.86
CA LEU B 45 34.33 2.13 13.73
C LEU B 45 35.15 0.86 13.92
N GLY B 46 34.53 -0.22 14.42
CA GLY B 46 35.27 -1.41 14.77
C GLY B 46 36.06 -1.29 16.05
N ARG B 47 36.00 -0.15 16.73
CA ARG B 47 36.77 0.10 17.93
C ARG B 47 36.08 1.22 18.70
N GLY B 48 36.22 1.17 20.03
CA GLY B 48 35.61 2.18 20.86
C GLY B 48 35.82 1.87 22.33
N VAL B 49 35.12 2.61 23.17
CA VAL B 49 35.14 2.41 24.61
C VAL B 49 33.70 2.27 25.08
N ILE B 50 33.34 1.09 25.57
CA ILE B 50 32.01 0.82 26.07
C ILE B 50 32.06 0.82 27.60
N THR B 51 30.88 0.73 28.21
CA THR B 51 30.79 0.65 29.67
C THR B 51 29.93 -0.55 30.02
N VAL B 52 30.43 -1.38 30.93
CA VAL B 52 29.80 -2.64 31.27
C VAL B 52 29.67 -2.77 32.78
N VAL B 53 28.75 -3.65 33.18
CA VAL B 53 28.54 -4.07 34.56
C VAL B 53 28.98 -5.53 34.66
N PRO B 54 30.05 -5.83 35.41
CA PRO B 54 30.48 -7.22 35.55
C PRO B 54 29.42 -8.08 36.22
N VAL B 55 29.47 -9.36 35.88
CA VAL B 55 28.48 -10.36 36.30
C VAL B 55 29.22 -11.50 36.95
N THR B 56 28.67 -12.04 38.04
CA THR B 56 29.32 -13.12 38.77
C THR B 56 28.35 -14.25 39.04
N SER B 57 28.86 -15.48 39.03
CA SER B 57 28.07 -16.64 39.39
C SER B 57 28.02 -16.88 40.89
N ASN B 58 28.82 -16.14 41.67
CA ASN B 58 28.81 -16.23 43.13
C ASN B 58 27.72 -15.31 43.64
N ILE B 59 26.51 -15.85 43.81
CA ILE B 59 25.37 -15.05 44.22
C ILE B 59 25.62 -14.44 45.60
N ALA B 60 25.90 -15.28 46.59
CA ALA B 60 26.28 -14.86 47.94
C ALA B 60 25.17 -13.96 48.49
N LYS B 61 25.51 -12.84 49.11
CA LYS B 61 24.52 -11.87 49.59
C LYS B 61 24.20 -10.90 48.46
N VAL B 62 22.92 -10.76 48.15
CA VAL B 62 22.47 -9.87 47.09
C VAL B 62 22.13 -8.51 47.69
N TYR B 63 22.70 -7.46 47.13
CA TYR B 63 22.52 -6.11 47.61
C TYR B 63 21.59 -5.33 46.68
N PRO B 64 20.99 -4.23 47.16
CA PRO B 64 20.08 -3.46 46.31
C PRO B 64 20.73 -2.83 45.08
N PHE B 65 22.06 -2.84 44.99
CA PHE B 65 22.76 -2.35 43.80
C PHE B 65 23.21 -3.49 42.90
N GLN B 66 22.63 -4.68 43.06
CA GLN B 66 22.94 -5.84 42.24
C GLN B 66 21.62 -6.46 41.76
N VAL B 67 21.67 -7.12 40.60
CA VAL B 67 20.46 -7.65 39.98
C VAL B 67 20.66 -9.12 39.65
N LEU B 68 19.70 -9.95 40.05
CA LEU B 68 19.77 -11.38 39.75
C LEU B 68 19.42 -11.63 38.28
N LEU B 69 20.29 -12.35 37.59
CA LEU B 69 20.12 -12.67 36.17
C LEU B 69 19.93 -14.18 36.04
N SER B 70 18.84 -14.59 35.39
CA SER B 70 18.48 -16.00 35.34
C SER B 70 19.02 -16.67 34.08
N ALA B 71 19.57 -17.87 34.27
CA ALA B 71 20.05 -18.68 33.17
C ALA B 71 18.96 -19.02 32.16
N THR B 72 17.69 -19.01 32.59
CA THR B 72 16.60 -19.34 31.68
C THR B 72 16.50 -18.33 30.55
N THR B 73 16.77 -17.05 30.83
CA THR B 73 16.63 -15.99 29.85
C THR B 73 17.94 -15.46 29.30
N THR B 74 19.03 -15.51 30.07
CA THR B 74 20.23 -14.80 29.63
C THR B 74 21.10 -15.58 28.65
N GLY B 75 21.04 -16.91 28.68
CA GLY B 75 21.99 -17.71 27.95
C GLY B 75 23.21 -18.11 28.75
N LEU B 76 23.37 -17.55 29.95
CA LEU B 76 24.40 -18.02 30.86
C LEU B 76 24.11 -19.45 31.28
N GLN B 77 25.17 -20.18 31.65
CA GLN B 77 25.00 -21.57 32.03
C GLN B 77 24.40 -21.71 33.42
N VAL B 78 24.68 -20.76 34.32
CA VAL B 78 24.15 -20.78 35.67
C VAL B 78 23.55 -19.42 35.98
N ASP B 79 22.76 -19.37 37.06
CA ASP B 79 22.22 -18.11 37.53
C ASP B 79 23.35 -17.22 38.00
N CYS B 80 23.23 -15.92 37.74
CA CYS B 80 24.32 -14.98 38.01
C CYS B 80 23.73 -13.71 38.63
N LYS B 81 24.62 -12.74 38.84
CA LYS B 81 24.30 -11.48 39.51
C LYS B 81 25.11 -10.37 38.87
N ALA B 82 24.43 -9.36 38.36
CA ALA B 82 25.06 -8.16 37.84
C ALA B 82 25.41 -7.23 39.00
N GLN B 83 26.66 -6.80 39.04
CA GLN B 83 27.20 -5.98 40.13
C GLN B 83 27.37 -4.56 39.61
N ALA B 84 26.33 -3.74 39.79
CA ALA B 84 26.39 -2.35 39.33
C ALA B 84 27.52 -1.58 40.01
N GLU B 85 27.91 -1.98 41.22
CA GLU B 85 28.98 -1.31 41.92
C GLU B 85 30.35 -1.58 41.31
N GLN B 86 30.45 -2.49 40.34
CA GLN B 86 31.69 -2.79 39.64
C GLN B 86 31.71 -2.23 38.23
N ILE B 87 30.80 -1.30 37.91
CA ILE B 87 30.70 -0.75 36.56
C ILE B 87 32.05 -0.19 36.12
N ARG B 88 32.37 -0.37 34.83
CA ARG B 88 33.65 0.11 34.32
C ARG B 88 33.59 0.22 32.82
N SER B 89 34.31 1.22 32.28
CA SER B 89 34.49 1.37 30.85
C SER B 89 35.71 0.58 30.40
N ILE B 90 35.57 -0.11 29.26
CA ILE B 90 36.63 -0.93 28.71
C ILE B 90 36.74 -0.68 27.21
N ALA B 91 37.94 -0.89 26.68
CA ALA B 91 38.12 -0.90 25.23
C ALA B 91 37.34 -2.07 24.64
N THR B 92 36.76 -1.85 23.45
CA THR B 92 36.03 -2.92 22.78
C THR B 92 36.93 -4.09 22.43
N GLU B 93 38.25 -3.90 22.44
CA GLU B 93 39.19 -5.00 22.24
C GLU B 93 39.00 -6.10 23.29
N ARG B 94 38.45 -5.78 24.45
CA ARG B 94 38.28 -6.74 25.52
C ARG B 94 36.97 -7.52 25.42
N LEU B 95 36.12 -7.22 24.44
CA LEU B 95 34.98 -8.07 24.15
C LEU B 95 35.47 -9.40 23.57
N LEU B 96 34.96 -10.50 24.11
CA LEU B 96 35.31 -11.84 23.64
C LEU B 96 34.14 -12.53 22.96
N ARG B 97 33.01 -12.68 23.65
CA ARG B 97 31.98 -13.49 22.99
C ARG B 97 30.57 -13.12 23.42
N PRO B 98 29.66 -12.85 22.49
CA PRO B 98 28.28 -12.53 22.90
C PRO B 98 27.60 -13.78 23.44
N ILE B 99 26.83 -13.58 24.51
CA ILE B 99 26.12 -14.65 25.19
C ILE B 99 24.61 -14.54 25.00
N GLY B 100 24.07 -13.34 25.22
CA GLY B 100 22.66 -13.07 25.06
C GLY B 100 22.32 -11.68 25.54
N ARG B 101 21.14 -11.50 26.14
CA ARG B 101 20.81 -10.22 26.77
C ARG B 101 19.90 -10.46 27.95
N VAL B 102 19.91 -9.50 28.87
CA VAL B 102 19.03 -9.56 30.02
C VAL B 102 17.59 -9.34 29.58
N SER B 103 16.65 -9.86 30.36
CA SER B 103 15.24 -9.61 30.09
C SER B 103 14.93 -8.13 30.30
N ALA B 104 13.75 -7.71 29.86
CA ALA B 104 13.36 -6.31 30.04
C ALA B 104 13.22 -5.96 31.52
N ALA B 105 12.71 -6.90 32.31
CA ALA B 105 12.60 -6.69 33.76
C ALA B 105 13.97 -6.57 34.40
N GLU B 106 14.87 -7.50 34.07
CA GLU B 106 16.24 -7.44 34.58
C GLU B 106 16.92 -6.13 34.19
N LEU B 107 16.66 -5.65 32.97
CA LEU B 107 17.27 -4.41 32.52
C LEU B 107 16.71 -3.21 33.29
N ALA B 108 15.39 -3.19 33.51
CA ALA B 108 14.80 -2.14 34.34
C ALA B 108 15.46 -2.11 35.72
N GLN B 109 15.57 -3.27 36.36
CA GLN B 109 16.15 -3.29 37.71
C GLN B 109 17.63 -2.99 37.70
N LEU B 110 18.33 -3.26 36.58
CA LEU B 110 19.72 -2.85 36.49
C LEU B 110 19.83 -1.33 36.36
N ASP B 111 18.88 -0.71 35.65
CA ASP B 111 18.82 0.75 35.63
C ASP B 111 18.60 1.30 37.05
N GLU B 112 17.69 0.68 37.80
CA GLU B 112 17.50 1.09 39.19
C GLU B 112 18.80 0.97 39.97
N ALA B 113 19.46 -0.19 39.89
CA ALA B 113 20.68 -0.43 40.66
C ALA B 113 21.77 0.58 40.30
N LEU B 114 21.88 0.92 39.02
CA LEU B 114 22.85 1.93 38.61
C LEU B 114 22.52 3.29 39.20
N LYS B 115 21.24 3.69 39.13
CA LYS B 115 20.83 4.96 39.71
C LYS B 115 21.13 5.01 41.20
N LEU B 116 20.95 3.90 41.91
CA LEU B 116 21.25 3.86 43.33
C LEU B 116 22.75 3.98 43.58
N HIS B 117 23.54 3.16 42.87
CA HIS B 117 24.98 3.16 43.12
C HIS B 117 25.61 4.49 42.80
N LEU B 118 25.14 5.17 41.75
CA LEU B 118 25.73 6.42 41.32
C LEU B 118 24.98 7.64 41.84
N ASP B 119 24.06 7.46 42.78
CA ASP B 119 23.32 8.56 43.40
C ASP B 119 22.59 9.40 42.35
N LEU B 120 21.98 8.72 41.38
CA LEU B 120 21.24 9.39 40.32
C LEU B 120 19.72 9.25 40.48
N TRP B 121 19.25 8.72 41.59
CA TRP B 121 17.83 8.79 41.90
C TRP B 121 17.42 10.25 42.10
N SER B 122 16.22 10.58 41.65
CA SER B 122 15.81 11.97 41.52
C SER B 122 14.69 12.38 42.49
N LYS C 8 3.30 19.08 33.63
CA LYS C 8 2.40 18.14 32.98
C LYS C 8 1.65 18.80 31.83
N LEU C 9 1.62 18.12 30.69
CA LEU C 9 0.98 18.62 29.48
C LEU C 9 0.02 17.57 28.95
N SER C 10 -0.76 17.96 27.95
CA SER C 10 -1.56 17.03 27.16
C SER C 10 -1.10 17.11 25.71
N VAL C 11 -0.72 15.96 25.13
CA VAL C 11 -0.36 15.86 23.72
C VAL C 11 -1.34 14.98 22.97
N SER C 12 -1.38 15.21 21.65
CA SER C 12 -2.20 14.46 20.71
C SER C 12 -1.27 13.75 19.74
N LEU C 13 -1.31 12.41 19.76
CA LEU C 13 -0.50 11.58 18.88
C LEU C 13 -1.40 10.58 18.17
N SER C 14 -0.86 9.94 17.15
CA SER C 14 -1.60 8.92 16.43
C SER C 14 -1.47 7.57 17.14
N ASP C 15 -2.40 6.68 16.80
CA ASP C 15 -2.34 5.30 17.32
C ASP C 15 -1.00 4.66 17.03
N ASP C 16 -0.48 4.85 15.80
CA ASP C 16 0.82 4.31 15.46
C ASP C 16 1.93 4.92 16.31
N ASP C 17 1.83 6.23 16.58
CA ASP C 17 2.81 6.88 17.46
C ASP C 17 2.81 6.23 18.84
N VAL C 18 1.63 6.06 19.43
CA VAL C 18 1.59 5.48 20.76
C VAL C 18 2.02 4.02 20.73
N ALA C 19 1.80 3.32 19.62
CA ALA C 19 2.26 1.94 19.51
C ALA C 19 3.78 1.87 19.47
N ILE C 20 4.40 2.75 18.69
CA ILE C 20 5.87 2.82 18.65
C ILE C 20 6.42 3.14 20.02
N LEU C 21 5.86 4.16 20.68
CA LEU C 21 6.32 4.55 22.01
C LEU C 21 6.20 3.40 23.00
N ASP C 22 5.07 2.71 22.98
CA ASP C 22 4.87 1.60 23.92
C ASP C 22 5.82 0.45 23.64
N ALA C 23 6.09 0.17 22.35
CA ALA C 23 7.04 -0.88 22.01
C ALA C 23 8.44 -0.52 22.50
N TYR C 24 8.83 0.76 22.36
CA TYR C 24 10.13 1.17 22.86
C TYR C 24 10.22 1.07 24.37
N VAL C 25 9.20 1.58 25.07
CA VAL C 25 9.18 1.50 26.54
C VAL C 25 9.26 0.06 27.00
N LYS C 26 8.54 -0.84 26.31
CA LYS C 26 8.56 -2.25 26.67
C LYS C 26 9.95 -2.85 26.45
N ARG C 27 10.51 -2.64 25.25
CA ARG C 27 11.82 -3.22 24.94
C ARG C 27 12.90 -2.70 25.88
N ALA C 28 12.84 -1.43 26.24
CA ALA C 28 13.84 -0.82 27.11
C ALA C 28 13.54 -0.98 28.59
N GLY C 29 12.38 -1.55 28.94
CA GLY C 29 12.04 -1.73 30.34
C GLY C 29 11.80 -0.43 31.09
N LEU C 30 11.31 0.60 30.40
CA LEU C 30 11.11 1.89 31.03
C LEU C 30 9.81 1.90 31.83
N PRO C 31 9.72 2.74 32.87
CA PRO C 31 8.53 2.70 33.73
C PRO C 31 7.34 3.47 33.19
N SER C 32 7.50 4.34 32.19
CA SER C 32 6.36 5.12 31.75
C SER C 32 6.60 5.69 30.35
N ARG C 33 5.48 5.98 29.68
CA ARG C 33 5.50 6.69 28.41
C ARG C 33 6.25 8.02 28.53
N SER C 34 6.10 8.71 29.67
CA SER C 34 6.87 9.93 29.88
C SER C 34 8.37 9.64 29.89
N ALA C 35 8.77 8.49 30.41
CA ALA C 35 10.17 8.10 30.35
C ALA C 35 10.60 7.83 28.91
N GLY C 36 9.75 7.13 28.13
CA GLY C 36 10.04 6.97 26.71
C GLY C 36 10.25 8.29 26.01
N LEU C 37 9.32 9.23 26.22
CA LEU C 37 9.41 10.54 25.59
C LEU C 37 10.64 11.30 26.06
N GLN C 38 11.03 11.10 27.31
CA GLN C 38 12.26 11.72 27.80
C GLN C 38 13.48 11.20 27.04
N HIS C 39 13.53 9.89 26.79
CA HIS C 39 14.60 9.36 25.96
C HIS C 39 14.58 10.00 24.58
N ALA C 40 13.40 10.09 23.97
CA ALA C 40 13.30 10.68 22.62
C ALA C 40 13.83 12.11 22.61
N ILE C 41 13.38 12.93 23.57
CA ILE C 41 13.81 14.32 23.63
C ILE C 41 15.31 14.41 23.83
N ARG C 42 15.86 13.54 24.69
CA ARG C 42 17.31 13.52 24.88
C ARG C 42 18.04 13.17 23.59
N VAL C 43 17.42 12.35 22.72
CA VAL C 43 18.06 12.06 21.44
C VAL C 43 17.99 13.28 20.52
N LEU C 44 16.83 13.94 20.47
CA LEU C 44 16.73 15.20 19.72
C LEU C 44 17.75 16.22 20.21
N ARG C 45 18.16 16.10 21.47
CA ARG C 45 18.96 17.13 22.11
C ARG C 45 20.37 17.20 21.53
N TYR C 46 20.96 16.06 21.20
CA TYR C 46 22.35 15.99 20.76
C TYR C 46 22.40 15.36 19.37
N PRO C 47 22.45 16.18 18.31
CA PRO C 47 22.38 15.61 16.95
C PRO C 47 23.67 14.94 16.51
N THR C 48 24.82 15.32 17.05
CA THR C 48 26.10 14.78 16.62
C THR C 48 26.75 13.91 17.71
N LEU C 49 25.95 13.24 18.53
CA LEU C 49 26.51 12.54 19.68
C LEU C 49 27.41 11.39 19.25
N GLU C 50 27.04 10.66 18.20
CA GLU C 50 27.91 9.62 17.65
C GLU C 50 29.29 10.19 17.32
N ASP C 51 29.30 11.32 16.61
CA ASP C 51 30.54 12.00 16.28
C ASP C 51 31.30 12.41 17.53
N ASP C 52 30.59 12.93 18.54
CA ASP C 52 31.21 13.32 19.79
C ASP C 52 31.93 12.14 20.44
N TYR C 53 31.30 10.96 20.45
CA TYR C 53 31.94 9.79 21.02
C TYR C 53 33.17 9.39 20.22
N ALA C 54 33.07 9.41 18.89
CA ALA C 54 34.23 9.08 18.07
C ALA C 54 35.40 9.99 18.38
N ASN C 55 35.16 11.30 18.46
CA ASN C 55 36.24 12.25 18.70
C ASN C 55 36.78 12.14 20.13
N ALA C 56 35.91 11.91 21.10
CA ALA C 56 36.36 11.76 22.48
C ALA C 56 37.23 10.52 22.65
N TRP C 57 36.81 9.40 22.06
CA TRP C 57 37.64 8.21 22.07
C TRP C 57 38.97 8.45 21.36
N GLN C 58 38.95 9.27 20.29
CA GLN C 58 40.19 9.55 19.59
C GLN C 58 41.17 10.35 20.46
N GLU C 59 40.66 11.38 21.16
CA GLU C 59 41.50 12.08 22.12
C GLU C 59 42.05 11.12 23.17
N TRP C 60 41.18 10.29 23.74
CA TRP C 60 41.56 9.38 24.81
C TRP C 60 42.68 8.44 24.37
N SER C 61 42.54 7.83 23.19
CA SER C 61 43.57 6.92 22.71
C SER C 61 44.85 7.68 22.35
N ALA C 62 44.71 8.83 21.69
CA ALA C 62 45.89 9.61 21.30
C ALA C 62 46.70 10.03 22.53
N ALA C 63 46.05 10.19 23.69
CA ALA C 63 46.80 10.55 24.88
C ALA C 63 47.38 9.34 25.62
N GLY C 64 47.08 8.12 25.18
CA GLY C 64 47.60 6.95 25.87
C GLY C 64 46.88 6.58 27.14
N ASP C 65 45.68 7.14 27.35
CA ASP C 65 45.02 7.01 28.63
C ASP C 65 44.46 5.61 28.87
N THR C 66 44.14 4.84 27.82
CA THR C 66 43.72 3.47 28.02
C THR C 66 44.86 2.63 28.58
N ASP C 67 46.08 2.82 28.06
CA ASP C 67 47.24 2.20 28.68
C ASP C 67 47.46 2.71 30.10
N ALA C 68 47.19 4.00 30.35
CA ALA C 68 47.40 4.53 31.69
C ALA C 68 46.43 3.91 32.70
N TRP C 69 45.15 3.80 32.35
CA TRP C 69 44.13 3.32 33.27
C TRP C 69 43.91 1.82 33.22
N GLU C 70 44.54 1.11 32.28
CA GLU C 70 44.23 -0.30 32.07
C GLU C 70 44.69 -1.19 33.21
N GLN C 71 45.60 -0.72 34.06
CA GLN C 71 46.00 -1.51 35.21
C GLN C 71 44.88 -1.67 36.23
N THR C 72 43.80 -0.91 36.11
CA THR C 72 42.66 -0.97 37.03
C THR C 72 41.51 -1.82 36.50
N VAL C 73 41.60 -2.32 35.26
CA VAL C 73 40.45 -2.96 34.62
C VAL C 73 40.01 -4.21 35.38
N GLY C 74 40.90 -4.82 36.16
CA GLY C 74 40.57 -6.00 36.93
C GLY C 74 40.30 -5.75 38.40
N ASP C 75 40.26 -4.50 38.84
CA ASP C 75 40.02 -4.19 40.25
C ASP C 75 38.65 -4.69 40.68
N GLY C 76 38.58 -5.20 41.91
CA GLY C 76 37.34 -5.64 42.50
C GLY C 76 36.80 -6.96 41.98
N VAL C 77 37.27 -7.44 40.83
CA VAL C 77 36.82 -8.69 40.26
C VAL C 77 37.96 -9.70 40.30
N GLY C 78 37.61 -10.97 40.48
CA GLY C 78 38.59 -12.03 40.55
C GLY C 78 39.46 -11.95 41.79
N LEU D 4 -35.05 -11.76 -26.47
CA LEU D 4 -34.62 -10.38 -26.72
C LEU D 4 -34.52 -9.61 -25.40
N MET D 5 -33.29 -9.23 -25.05
CA MET D 5 -33.01 -8.60 -23.76
C MET D 5 -32.49 -7.17 -23.91
N MET D 6 -32.71 -6.53 -25.06
CA MET D 6 -32.10 -5.25 -25.39
C MET D 6 -30.59 -5.40 -25.42
N ARG D 7 -30.07 -6.04 -26.46
CA ARG D 7 -28.65 -6.35 -26.58
C ARG D 7 -28.21 -6.06 -28.00
N ARG D 8 -26.89 -6.07 -28.22
CA ARG D 8 -26.34 -5.74 -29.52
C ARG D 8 -26.82 -6.72 -30.59
N GLY D 9 -27.13 -6.20 -31.77
CA GLY D 9 -27.64 -7.00 -32.85
C GLY D 9 -29.15 -7.12 -32.88
N GLU D 10 -29.83 -6.72 -31.81
CA GLU D 10 -31.28 -6.77 -31.80
C GLU D 10 -31.87 -5.60 -32.59
N ILE D 11 -33.01 -5.86 -33.21
CA ILE D 11 -33.74 -4.86 -33.98
C ILE D 11 -34.91 -4.40 -33.12
N TRP D 12 -35.00 -3.09 -32.91
CA TRP D 12 -36.09 -2.51 -32.14
C TRP D 12 -36.74 -1.39 -32.93
N GLN D 13 -38.06 -1.31 -32.87
CA GLN D 13 -38.77 -0.11 -33.30
C GLN D 13 -38.59 0.97 -32.26
N VAL D 14 -38.05 2.11 -32.71
CA VAL D 14 -37.67 3.24 -31.86
C VAL D 14 -38.31 4.51 -32.38
N ASP D 15 -38.46 5.48 -31.48
CA ASP D 15 -39.01 6.81 -31.77
C ASP D 15 -37.86 7.78 -31.96
N LEU D 16 -37.67 8.26 -33.19
CA LEU D 16 -36.62 9.23 -33.50
C LEU D 16 -37.17 10.63 -33.71
N ASP D 17 -38.34 10.93 -33.15
CA ASP D 17 -38.90 12.26 -33.30
C ASP D 17 -38.39 13.17 -32.19
N PRO D 18 -37.87 14.35 -32.52
CA PRO D 18 -37.36 15.25 -31.47
C PRO D 18 -38.42 15.65 -30.45
N ALA D 19 -39.70 15.59 -30.82
CA ALA D 19 -40.78 15.96 -29.92
C ALA D 19 -41.55 14.76 -29.35
N ARG D 20 -41.44 13.59 -29.97
CA ARG D 20 -42.23 12.42 -29.60
C ARG D 20 -43.72 12.74 -29.68
N GLY D 21 -44.44 12.57 -28.58
CA GLY D 21 -45.82 13.07 -28.47
C GLY D 21 -46.72 12.61 -29.60
N SER D 22 -47.45 13.58 -30.16
CA SER D 22 -48.42 13.32 -31.22
C SER D 22 -47.79 13.32 -32.61
N GLU D 23 -46.46 13.33 -32.70
CA GLU D 23 -45.75 13.36 -33.98
C GLU D 23 -45.39 11.94 -34.37
N ALA D 24 -46.22 11.34 -35.24
CA ALA D 24 -45.97 9.98 -35.71
C ALA D 24 -44.76 9.88 -36.62
N ASN D 25 -44.18 11.01 -37.03
CA ASN D 25 -43.03 10.99 -37.91
C ASN D 25 -41.81 10.38 -37.20
N ASN D 26 -40.84 9.96 -38.01
CA ASN D 26 -39.53 9.53 -37.52
C ASN D 26 -39.62 8.31 -36.61
N GLN D 27 -40.57 7.43 -36.84
CA GLN D 27 -40.69 6.17 -36.10
C GLN D 27 -40.13 5.05 -36.97
N ARG D 28 -39.03 4.46 -36.54
CA ARG D 28 -38.28 3.58 -37.45
C ARG D 28 -37.63 2.45 -36.69
N PRO D 29 -37.38 1.32 -37.34
CA PRO D 29 -36.59 0.26 -36.71
C PRO D 29 -35.11 0.62 -36.72
N ALA D 30 -34.37 -0.06 -35.85
CA ALA D 30 -32.94 0.22 -35.71
C ALA D 30 -32.27 -0.98 -35.07
N VAL D 31 -30.97 -1.10 -35.34
CA VAL D 31 -30.15 -2.18 -34.79
C VAL D 31 -29.34 -1.63 -33.63
N VAL D 32 -29.38 -2.32 -32.49
CA VAL D 32 -28.53 -1.93 -31.37
C VAL D 32 -27.09 -2.28 -31.70
N VAL D 33 -26.20 -1.29 -31.62
CA VAL D 33 -24.79 -1.49 -31.92
C VAL D 33 -23.88 -1.11 -30.77
N SER D 34 -24.41 -0.51 -29.70
CA SER D 34 -23.62 -0.30 -28.49
C SER D 34 -23.30 -1.65 -27.85
N ASN D 35 -22.16 -1.71 -27.15
CA ASN D 35 -21.74 -2.97 -26.56
C ASN D 35 -22.69 -3.37 -25.43
N ASP D 36 -22.69 -4.67 -25.13
CA ASP D 36 -23.65 -5.24 -24.21
C ASP D 36 -23.34 -4.95 -22.75
N ARG D 37 -22.15 -4.44 -22.42
CA ARG D 37 -21.93 -3.94 -21.07
C ARG D 37 -22.69 -2.64 -20.84
N ALA D 38 -22.66 -1.74 -21.84
CA ALA D 38 -23.47 -0.54 -21.79
C ALA D 38 -24.95 -0.89 -21.83
N ASN D 39 -25.34 -1.81 -22.73
CA ASN D 39 -26.75 -2.21 -22.81
C ASN D 39 -27.22 -2.82 -21.50
N ALA D 40 -26.38 -3.65 -20.87
CA ALA D 40 -26.75 -4.27 -19.60
C ALA D 40 -26.83 -3.25 -18.48
N THR D 41 -25.96 -2.23 -18.51
CA THR D 41 -26.06 -1.16 -17.52
C THR D 41 -27.35 -0.37 -17.70
N ALA D 42 -27.73 -0.10 -18.95
CA ALA D 42 -28.98 0.61 -19.20
C ALA D 42 -30.18 -0.18 -18.70
N THR D 43 -30.22 -1.48 -19.00
CA THR D 43 -31.35 -2.29 -18.52
C THR D 43 -31.33 -2.45 -17.01
N ARG D 44 -30.14 -2.47 -16.40
CA ARG D 44 -30.07 -2.57 -14.94
C ARG D 44 -30.60 -1.31 -14.28
N LEU D 45 -30.18 -0.14 -14.76
CA LEU D 45 -30.66 1.12 -14.23
C LEU D 45 -32.09 1.44 -14.65
N GLY D 46 -32.64 0.72 -15.64
CA GLY D 46 -33.91 1.07 -16.22
C GLY D 46 -33.87 2.24 -17.18
N ARG D 47 -32.75 2.95 -17.26
CA ARG D 47 -32.59 4.05 -18.19
C ARG D 47 -31.11 4.18 -18.52
N GLY D 48 -30.83 4.56 -19.76
CA GLY D 48 -29.47 4.75 -20.20
C GLY D 48 -29.45 5.39 -21.56
N VAL D 49 -28.27 5.35 -22.19
CA VAL D 49 -28.09 5.85 -23.55
C VAL D 49 -27.48 4.73 -24.36
N ILE D 50 -28.23 4.20 -25.32
CA ILE D 50 -27.71 3.16 -26.21
C ILE D 50 -27.33 3.80 -27.53
N THR D 51 -26.77 3.01 -28.44
CA THR D 51 -26.39 3.50 -29.76
C THR D 51 -26.97 2.56 -30.80
N VAL D 52 -27.64 3.13 -31.81
CA VAL D 52 -28.37 2.34 -32.79
C VAL D 52 -28.02 2.80 -34.20
N VAL D 53 -28.27 1.90 -35.15
CA VAL D 53 -28.15 2.13 -36.58
C VAL D 53 -29.56 2.10 -37.16
N PRO D 54 -30.09 3.22 -37.66
CA PRO D 54 -31.45 3.23 -38.20
C PRO D 54 -31.58 2.34 -39.43
N VAL D 55 -32.81 1.88 -39.66
CA VAL D 55 -33.13 0.89 -40.67
C VAL D 55 -34.26 1.45 -41.54
N THR D 56 -34.17 1.24 -42.85
CA THR D 56 -35.19 1.75 -43.76
C THR D 56 -35.65 0.66 -44.72
N SER D 57 -36.94 0.69 -45.05
CA SER D 57 -37.47 -0.21 -46.06
C SER D 57 -37.24 0.32 -47.48
N ASN D 58 -36.79 1.56 -47.62
CA ASN D 58 -36.47 2.14 -48.93
C ASN D 58 -35.07 1.68 -49.29
N ILE D 59 -34.99 0.57 -50.04
CA ILE D 59 -33.70 -0.01 -50.37
C ILE D 59 -32.89 0.94 -51.25
N ALA D 60 -33.48 1.40 -52.36
CA ALA D 60 -32.93 2.44 -53.23
C ALA D 60 -31.51 2.01 -53.63
N LYS D 61 -30.51 2.88 -53.52
CA LYS D 61 -29.13 2.50 -53.80
C LYS D 61 -28.49 2.02 -52.51
N VAL D 62 -27.96 0.80 -52.52
CA VAL D 62 -27.26 0.25 -51.37
C VAL D 62 -25.79 0.62 -51.48
N TYR D 63 -25.27 1.27 -50.45
CA TYR D 63 -23.88 1.70 -50.42
C TYR D 63 -23.05 0.78 -49.53
N PRO D 64 -21.72 0.80 -49.68
CA PRO D 64 -20.89 -0.10 -48.85
C PRO D 64 -20.96 0.18 -47.36
N PHE D 65 -21.53 1.30 -46.93
CA PHE D 65 -21.74 1.58 -45.52
C PHE D 65 -23.15 1.24 -45.07
N GLN D 66 -23.83 0.34 -45.79
CA GLN D 66 -25.20 -0.07 -45.48
C GLN D 66 -25.30 -1.58 -45.66
N VAL D 67 -26.27 -2.19 -44.97
CA VAL D 67 -26.37 -3.64 -44.93
C VAL D 67 -27.80 -4.06 -45.23
N LEU D 68 -27.97 -4.98 -46.17
CA LEU D 68 -29.31 -5.51 -46.46
C LEU D 68 -29.75 -6.48 -45.37
N LEU D 69 -30.96 -6.27 -44.84
CA LEU D 69 -31.53 -7.08 -43.77
C LEU D 69 -32.77 -7.77 -44.31
N SER D 70 -32.81 -9.10 -44.22
CA SER D 70 -33.89 -9.87 -44.81
C SER D 70 -35.03 -10.06 -43.83
N ALA D 71 -36.26 -9.91 -44.35
CA ALA D 71 -37.46 -10.19 -43.58
C ALA D 71 -37.45 -11.60 -43.00
N THR D 72 -36.79 -12.54 -43.69
CA THR D 72 -36.70 -13.90 -43.19
C THR D 72 -35.95 -13.95 -41.87
N THR D 73 -34.81 -13.27 -41.79
CA THR D 73 -33.98 -13.35 -40.59
C THR D 73 -34.47 -12.42 -39.48
N THR D 74 -34.97 -11.24 -39.83
CA THR D 74 -35.09 -10.18 -38.85
C THR D 74 -36.39 -10.20 -38.05
N GLY D 75 -37.50 -10.65 -38.65
CA GLY D 75 -38.81 -10.41 -38.10
C GLY D 75 -39.47 -9.15 -38.62
N LEU D 76 -38.75 -8.35 -39.40
CA LEU D 76 -39.35 -7.21 -40.09
C LEU D 76 -40.34 -7.71 -41.13
N GLN D 77 -41.32 -6.86 -41.45
CA GLN D 77 -42.37 -7.26 -42.38
C GLN D 77 -41.90 -7.25 -43.82
N VAL D 78 -40.91 -6.41 -44.15
CA VAL D 78 -40.35 -6.36 -45.49
C VAL D 78 -38.82 -6.32 -45.37
N ASP D 79 -38.17 -6.59 -46.50
CA ASP D 79 -36.71 -6.44 -46.55
C ASP D 79 -36.33 -4.99 -46.33
N CYS D 80 -35.24 -4.77 -45.60
CA CYS D 80 -34.83 -3.43 -45.23
C CYS D 80 -33.33 -3.31 -45.40
N LYS D 81 -32.77 -2.17 -44.98
CA LYS D 81 -31.34 -1.97 -44.96
C LYS D 81 -30.96 -1.09 -43.78
N ALA D 82 -29.88 -1.49 -43.10
CA ALA D 82 -29.31 -0.71 -42.01
C ALA D 82 -28.37 0.34 -42.58
N GLN D 83 -28.55 1.59 -42.14
CA GLN D 83 -27.78 2.74 -42.60
C GLN D 83 -26.76 3.08 -41.53
N ALA D 84 -25.56 2.52 -41.66
CA ALA D 84 -24.52 2.76 -40.66
C ALA D 84 -24.13 4.24 -40.62
N GLU D 85 -24.28 4.95 -41.74
CA GLU D 85 -23.96 6.37 -41.76
C GLU D 85 -24.96 7.21 -40.96
N GLN D 86 -26.05 6.60 -40.49
CA GLN D 86 -27.04 7.28 -39.66
C GLN D 86 -26.92 6.91 -38.19
N ILE D 87 -25.79 6.33 -37.79
CA ILE D 87 -25.61 5.86 -36.42
C ILE D 87 -25.86 6.99 -35.44
N ARG D 88 -26.54 6.69 -34.33
CA ARG D 88 -26.79 7.72 -33.34
C ARG D 88 -27.07 7.09 -31.98
N SER D 89 -26.60 7.76 -30.93
CA SER D 89 -26.95 7.38 -29.57
C SER D 89 -28.29 8.01 -29.20
N ILE D 90 -29.15 7.23 -28.55
CA ILE D 90 -30.46 7.69 -28.13
C ILE D 90 -30.70 7.26 -26.69
N ALA D 91 -31.58 7.99 -26.01
CA ALA D 91 -32.06 7.57 -24.71
C ALA D 91 -32.89 6.30 -24.86
N THR D 92 -32.74 5.39 -23.90
CA THR D 92 -33.50 4.14 -23.94
C THR D 92 -35.00 4.38 -23.86
N GLU D 93 -35.43 5.55 -23.38
CA GLU D 93 -36.85 5.88 -23.35
C GLU D 93 -37.46 5.89 -24.75
N ARG D 94 -36.64 5.99 -25.79
CA ARG D 94 -37.12 6.01 -27.17
C ARG D 94 -37.28 4.61 -27.75
N LEU D 95 -36.91 3.57 -27.03
CA LEU D 95 -37.24 2.22 -27.45
C LEU D 95 -38.74 1.99 -27.33
N LEU D 96 -39.32 1.38 -28.35
CA LEU D 96 -40.75 1.08 -28.38
C LEU D 96 -41.04 -0.41 -28.39
N ARG D 97 -40.45 -1.16 -29.31
CA ARG D 97 -40.89 -2.55 -29.39
C ARG D 97 -39.84 -3.45 -30.02
N PRO D 98 -39.49 -4.58 -29.40
CA PRO D 98 -38.50 -5.46 -30.02
C PRO D 98 -39.10 -6.23 -31.19
N ILE D 99 -38.36 -6.27 -32.28
CA ILE D 99 -38.76 -6.96 -33.49
C ILE D 99 -38.06 -8.31 -33.60
N GLY D 100 -36.75 -8.33 -33.40
CA GLY D 100 -35.96 -9.55 -33.44
C GLY D 100 -34.46 -9.29 -33.42
N ARG D 101 -33.71 -10.05 -34.21
CA ARG D 101 -32.27 -9.88 -34.30
C ARG D 101 -31.82 -10.02 -35.75
N VAL D 102 -30.76 -9.31 -36.10
CA VAL D 102 -30.10 -9.57 -37.38
C VAL D 102 -29.34 -10.89 -37.28
N SER D 103 -29.13 -11.51 -38.44
CA SER D 103 -28.37 -12.75 -38.48
C SER D 103 -26.91 -12.50 -38.12
N ALA D 104 -26.17 -13.58 -37.89
CA ALA D 104 -24.74 -13.44 -37.60
C ALA D 104 -24.00 -12.80 -38.77
N ALA D 105 -24.35 -13.21 -39.99
CA ALA D 105 -23.72 -12.63 -41.18
C ALA D 105 -24.08 -11.16 -41.33
N GLU D 106 -25.37 -10.82 -41.15
CA GLU D 106 -25.78 -9.42 -41.23
C GLU D 106 -25.07 -8.57 -40.19
N LEU D 107 -24.89 -9.11 -38.98
CA LEU D 107 -24.23 -8.36 -37.92
C LEU D 107 -22.75 -8.18 -38.22
N ALA D 108 -22.10 -9.22 -38.73
CA ALA D 108 -20.70 -9.07 -39.13
C ALA D 108 -20.53 -8.01 -40.20
N GLN D 109 -21.40 -8.02 -41.22
CA GLN D 109 -21.30 -7.00 -42.25
C GLN D 109 -21.69 -5.62 -41.73
N LEU D 110 -22.50 -5.56 -40.67
CA LEU D 110 -22.78 -4.27 -40.05
C LEU D 110 -21.56 -3.73 -39.30
N ASP D 111 -20.81 -4.62 -38.63
CA ASP D 111 -19.53 -4.23 -38.05
C ASP D 111 -18.62 -3.66 -39.12
N GLU D 112 -18.58 -4.38 -40.24
CA GLU D 112 -17.81 -3.98 -41.42
C GLU D 112 -18.19 -2.58 -41.87
N ALA D 113 -19.50 -2.34 -42.04
CA ALA D 113 -19.98 -1.04 -42.51
C ALA D 113 -19.70 0.08 -41.51
N LEU D 114 -19.77 -0.23 -40.22
CA LEU D 114 -19.43 0.76 -39.21
C LEU D 114 -17.95 1.13 -39.26
N LYS D 115 -17.07 0.13 -39.42
CA LYS D 115 -15.65 0.42 -39.49
C LYS D 115 -15.32 1.22 -40.75
N LEU D 116 -16.01 0.94 -41.87
CA LEU D 116 -15.80 1.73 -43.07
C LEU D 116 -16.28 3.16 -42.88
N HIS D 117 -17.49 3.33 -42.37
CA HIS D 117 -18.05 4.67 -42.23
C HIS D 117 -17.25 5.52 -41.25
N LEU D 118 -16.77 4.92 -40.16
CA LEU D 118 -16.07 5.64 -39.12
C LEU D 118 -14.55 5.58 -39.27
N ASP D 119 -14.05 5.02 -40.37
CA ASP D 119 -12.62 4.96 -40.66
C ASP D 119 -11.86 4.27 -39.54
N LEU D 120 -12.39 3.14 -39.08
CA LEU D 120 -11.83 2.35 -37.98
C LEU D 120 -11.16 1.09 -38.50
N TRP D 121 -10.80 1.08 -39.78
CA TRP D 121 -10.35 -0.13 -40.44
C TRP D 121 -8.95 -0.52 -40.02
N SER D 122 -8.01 0.41 -40.18
CA SER D 122 -6.60 0.32 -39.79
C SER D 122 -6.05 -1.05 -39.44
N MET E 5 -16.16 22.39 -46.17
CA MET E 5 -15.28 21.24 -46.24
C MET E 5 -14.85 20.80 -44.83
N MET E 6 -15.07 19.52 -44.50
CA MET E 6 -15.05 19.07 -43.11
C MET E 6 -14.29 17.76 -43.04
N ARG E 7 -13.20 17.71 -42.27
CA ARG E 7 -12.36 16.52 -42.24
C ARG E 7 -12.39 15.85 -40.88
N ARG E 8 -12.13 14.54 -40.87
CA ARG E 8 -12.19 13.75 -39.65
C ARG E 8 -11.12 14.21 -38.67
N GLY E 9 -11.47 14.24 -37.39
CA GLY E 9 -10.60 14.76 -36.36
C GLY E 9 -10.67 16.25 -36.15
N GLU E 10 -11.28 16.98 -37.07
CA GLU E 10 -11.51 18.40 -36.85
C GLU E 10 -12.62 18.59 -35.83
N ILE E 11 -12.47 19.63 -35.01
CA ILE E 11 -13.46 20.05 -34.03
C ILE E 11 -14.26 21.17 -34.67
N TRP E 12 -15.59 21.05 -34.69
CA TRP E 12 -16.46 22.02 -35.32
C TRP E 12 -17.50 22.53 -34.31
N GLN E 13 -17.98 23.77 -34.54
CA GLN E 13 -19.14 24.28 -33.81
C GLN E 13 -20.40 23.77 -34.49
N VAL E 14 -21.27 23.12 -33.74
CA VAL E 14 -22.52 22.58 -34.25
C VAL E 14 -23.67 23.39 -33.68
N ASP E 15 -24.60 23.75 -34.58
CA ASP E 15 -25.75 24.58 -34.25
C ASP E 15 -26.88 23.69 -33.76
N LEU E 16 -27.28 23.87 -32.51
CA LEU E 16 -28.33 23.03 -31.96
C LEU E 16 -29.65 23.76 -31.81
N ASP E 17 -29.72 24.76 -30.92
CA ASP E 17 -30.92 25.37 -30.35
C ASP E 17 -32.19 25.26 -31.20
N PRO E 18 -32.20 25.67 -32.49
CA PRO E 18 -33.46 25.48 -33.24
C PRO E 18 -33.92 24.03 -33.31
N ALA E 24 -30.89 31.34 -24.20
CA ALA E 24 -29.73 30.56 -23.78
C ALA E 24 -29.13 29.80 -24.96
N ASN E 25 -27.96 30.26 -25.40
CA ASN E 25 -27.34 29.72 -26.62
C ASN E 25 -27.01 28.24 -26.45
N ASN E 26 -27.55 27.42 -27.35
CA ASN E 26 -27.28 25.98 -27.38
C ASN E 26 -26.51 25.69 -28.66
N GLN E 27 -25.21 25.96 -28.64
CA GLN E 27 -24.29 25.58 -29.71
C GLN E 27 -23.13 24.84 -29.07
N ARG E 28 -22.80 23.66 -29.61
CA ARG E 28 -21.86 22.81 -28.90
C ARG E 28 -20.72 22.36 -29.81
N PRO E 29 -19.55 22.05 -29.25
CA PRO E 29 -18.45 21.56 -30.09
C PRO E 29 -18.44 20.05 -30.20
N ALA E 30 -18.01 19.58 -31.37
CA ALA E 30 -17.97 18.14 -31.59
C ALA E 30 -16.84 17.79 -32.54
N VAL E 31 -16.35 16.57 -32.43
CA VAL E 31 -15.29 16.06 -33.30
C VAL E 31 -15.92 15.32 -34.46
N VAL E 32 -15.45 15.59 -35.67
CA VAL E 32 -15.91 14.85 -36.85
C VAL E 32 -15.25 13.47 -36.85
N VAL E 33 -16.05 12.42 -36.94
CA VAL E 33 -15.51 11.06 -36.89
C VAL E 33 -15.95 10.25 -38.09
N SER E 34 -16.88 10.78 -38.88
CA SER E 34 -17.22 10.14 -40.15
C SER E 34 -16.08 10.32 -41.15
N ASN E 35 -15.98 9.39 -42.09
CA ASN E 35 -14.83 9.36 -42.96
C ASN E 35 -14.85 10.51 -43.96
N ASP E 36 -13.66 10.85 -44.47
CA ASP E 36 -13.49 12.04 -45.28
C ASP E 36 -14.20 11.94 -46.62
N ARG E 37 -14.35 10.74 -47.18
CA ARG E 37 -15.08 10.60 -48.43
C ARG E 37 -16.55 10.94 -48.24
N ALA E 38 -17.17 10.41 -47.17
CA ALA E 38 -18.54 10.75 -46.88
C ALA E 38 -18.70 12.23 -46.56
N ASN E 39 -17.73 12.81 -45.84
CA ASN E 39 -17.81 14.23 -45.54
C ASN E 39 -17.72 15.08 -46.81
N ALA E 40 -16.82 14.72 -47.72
CA ALA E 40 -16.66 15.49 -48.95
C ALA E 40 -17.88 15.37 -49.84
N THR E 41 -18.44 14.16 -49.97
CA THR E 41 -19.74 14.01 -50.63
C THR E 41 -20.76 14.95 -50.01
N ALA E 42 -20.81 15.00 -48.67
CA ALA E 42 -21.80 15.81 -47.97
C ALA E 42 -21.62 17.30 -48.22
N THR E 43 -20.36 17.74 -48.40
CA THR E 43 -20.10 19.15 -48.63
C THR E 43 -20.39 19.51 -50.08
N ARG E 44 -19.73 18.84 -51.03
CA ARG E 44 -19.93 19.06 -52.45
C ARG E 44 -21.42 19.08 -52.75
N LEU E 45 -22.12 18.15 -52.13
CA LEU E 45 -23.56 18.03 -52.32
C LEU E 45 -24.33 19.08 -51.54
N GLY E 46 -23.79 19.55 -50.42
CA GLY E 46 -24.50 20.52 -49.62
C GLY E 46 -25.55 19.94 -48.69
N ARG E 47 -25.67 18.61 -48.62
CA ARG E 47 -26.70 17.99 -47.79
C ARG E 47 -26.15 16.66 -47.27
N GLY E 48 -27.00 15.92 -46.57
CA GLY E 48 -26.61 14.66 -45.96
C GLY E 48 -26.39 14.79 -44.46
N VAL E 49 -25.59 13.84 -43.93
CA VAL E 49 -25.30 13.81 -42.51
C VAL E 49 -23.79 13.66 -42.30
N ILE E 50 -23.34 14.15 -41.15
CA ILE E 50 -21.98 13.98 -40.66
C ILE E 50 -22.06 13.34 -39.28
N THR E 51 -21.17 12.40 -39.01
CA THR E 51 -21.11 11.75 -37.71
C THR E 51 -20.08 12.46 -36.84
N VAL E 52 -20.51 12.88 -35.65
CA VAL E 52 -19.68 13.62 -34.72
C VAL E 52 -19.78 13.01 -33.34
N VAL E 53 -18.79 13.32 -32.51
CA VAL E 53 -18.71 12.92 -31.11
C VAL E 53 -18.77 14.20 -30.29
N PRO E 54 -19.73 14.35 -29.38
CA PRO E 54 -19.86 15.59 -28.62
C PRO E 54 -18.68 15.81 -27.68
N VAL E 55 -18.38 17.08 -27.44
CA VAL E 55 -17.24 17.48 -26.60
C VAL E 55 -17.77 18.27 -25.41
N THR E 56 -17.20 17.98 -24.23
CA THR E 56 -17.61 18.66 -23.01
C THR E 56 -16.40 19.19 -22.26
N SER E 57 -16.65 20.19 -21.42
CA SER E 57 -15.62 20.77 -20.55
C SER E 57 -15.48 20.03 -19.23
N ASN E 58 -16.48 19.23 -18.84
CA ASN E 58 -16.40 18.43 -17.61
C ASN E 58 -15.37 17.34 -17.82
N ILE E 59 -14.15 17.57 -17.33
CA ILE E 59 -13.04 16.65 -17.54
C ILE E 59 -12.54 16.06 -16.23
N ALA E 60 -13.38 16.04 -15.20
CA ALA E 60 -12.98 15.47 -13.92
C ALA E 60 -12.58 14.01 -14.07
N LYS E 61 -13.36 13.24 -14.80
CA LYS E 61 -13.06 11.84 -15.08
C LYS E 61 -13.16 11.61 -16.58
N VAL E 62 -12.16 10.94 -17.13
CA VAL E 62 -12.15 10.53 -18.53
C VAL E 62 -12.27 9.01 -18.55
N TYR E 63 -13.46 8.53 -18.92
CA TYR E 63 -13.74 7.10 -18.93
C TYR E 63 -13.15 6.45 -20.17
N PRO E 64 -13.03 5.12 -20.17
CA PRO E 64 -12.35 4.45 -21.30
C PRO E 64 -12.94 4.78 -22.66
N PHE E 65 -14.24 5.05 -22.74
CA PHE E 65 -14.89 5.41 -24.00
C PHE E 65 -14.87 6.91 -24.26
N GLN E 66 -14.03 7.66 -23.55
CA GLN E 66 -13.90 9.10 -23.72
C GLN E 66 -12.42 9.43 -23.91
N VAL E 67 -12.16 10.58 -24.53
CA VAL E 67 -10.79 10.94 -24.90
C VAL E 67 -10.52 12.39 -24.49
N LEU E 68 -9.39 12.60 -23.80
CA LEU E 68 -8.98 13.95 -23.42
C LEU E 68 -8.37 14.67 -24.62
N LEU E 69 -8.88 15.87 -24.88
CA LEU E 69 -8.40 16.74 -25.96
C LEU E 69 -7.76 17.96 -25.31
N SER E 70 -6.46 18.14 -25.53
CA SER E 70 -5.71 19.14 -24.80
C SER E 70 -5.71 20.48 -25.52
N ALA E 71 -5.78 21.54 -24.71
CA ALA E 71 -5.83 22.91 -25.23
C ALA E 71 -4.55 23.28 -25.98
N THR E 72 -3.42 22.67 -25.63
CA THR E 72 -2.16 23.01 -26.27
C THR E 72 -2.17 22.72 -27.76
N THR E 73 -2.94 21.71 -28.17
CA THR E 73 -2.99 21.30 -29.57
C THR E 73 -4.29 21.63 -30.26
N THR E 74 -5.43 21.56 -29.57
CA THR E 74 -6.67 21.73 -30.34
C THR E 74 -6.91 23.17 -30.77
N GLY E 75 -6.11 24.13 -30.31
CA GLY E 75 -6.44 25.51 -30.57
C GLY E 75 -7.59 26.00 -29.73
N LEU E 76 -7.94 25.28 -28.67
CA LEU E 76 -9.05 25.61 -27.80
C LEU E 76 -8.53 26.16 -26.47
N GLN E 77 -9.41 26.88 -25.78
CA GLN E 77 -8.97 27.65 -24.61
C GLN E 77 -8.67 26.74 -23.43
N VAL E 78 -9.50 25.72 -23.21
CA VAL E 78 -9.31 24.79 -22.10
C VAL E 78 -9.37 23.36 -22.62
N ASP E 79 -8.84 22.45 -21.82
CA ASP E 79 -8.97 21.03 -22.13
C ASP E 79 -10.44 20.63 -22.16
N CYS E 80 -10.74 19.66 -23.01
CA CYS E 80 -12.10 19.15 -23.11
C CYS E 80 -12.02 17.64 -23.28
N LYS E 81 -13.17 16.98 -23.36
CA LYS E 81 -13.15 15.54 -23.60
C LYS E 81 -14.25 15.18 -24.59
N ALA E 82 -13.88 14.30 -25.52
CA ALA E 82 -14.81 13.74 -26.49
C ALA E 82 -15.49 12.52 -25.89
N GLN E 83 -16.82 12.47 -26.00
CA GLN E 83 -17.63 11.42 -25.39
C GLN E 83 -18.15 10.50 -26.50
N ALA E 84 -17.36 9.48 -26.83
CA ALA E 84 -17.71 8.58 -27.92
C ALA E 84 -19.00 7.83 -27.65
N GLU E 85 -19.35 7.64 -26.37
CA GLU E 85 -20.61 6.98 -26.03
C GLU E 85 -21.82 7.81 -26.40
N GLN E 86 -21.63 9.07 -26.80
CA GLN E 86 -22.71 9.95 -27.23
C GLN E 86 -22.63 10.25 -28.73
N ILE E 87 -22.01 9.36 -29.51
CA ILE E 87 -21.83 9.57 -30.94
C ILE E 87 -23.18 9.81 -31.61
N ARG E 88 -23.20 10.74 -32.56
CA ARG E 88 -24.45 11.10 -33.22
C ARG E 88 -24.19 11.55 -34.65
N SER E 89 -25.07 11.15 -35.56
CA SER E 89 -25.07 11.65 -36.94
C SER E 89 -26.08 12.78 -37.05
N ILE E 90 -25.64 13.94 -37.54
CA ILE E 90 -26.45 15.15 -37.58
C ILE E 90 -26.41 15.74 -38.98
N ALA E 91 -27.38 16.60 -39.26
CA ALA E 91 -27.47 17.22 -40.57
C ALA E 91 -26.26 18.12 -40.83
N THR E 92 -25.80 18.11 -42.08
CA THR E 92 -24.60 18.87 -42.44
C THR E 92 -24.78 20.35 -42.15
N GLU E 93 -25.98 20.88 -42.39
CA GLU E 93 -26.24 22.31 -42.22
C GLU E 93 -25.99 22.78 -40.79
N ARG E 94 -25.90 21.85 -39.83
CA ARG E 94 -25.61 22.22 -38.45
C ARG E 94 -24.14 22.53 -38.19
N LEU E 95 -23.24 22.16 -39.10
CA LEU E 95 -21.81 22.37 -38.89
C LEU E 95 -21.46 23.77 -39.34
N LEU E 96 -21.26 24.67 -38.38
CA LEU E 96 -21.11 26.09 -38.67
C LEU E 96 -19.71 26.43 -39.16
N ARG E 97 -18.70 26.18 -38.32
CA ARG E 97 -17.37 26.63 -38.64
C ARG E 97 -16.34 25.73 -37.98
N PRO E 98 -15.16 25.61 -38.60
CA PRO E 98 -14.05 24.90 -37.96
C PRO E 98 -13.56 25.64 -36.73
N ILE E 99 -13.46 24.90 -35.63
CA ILE E 99 -12.98 25.39 -34.36
C ILE E 99 -11.50 25.08 -34.16
N GLY E 100 -11.11 23.85 -34.48
CA GLY E 100 -9.79 23.33 -34.21
C GLY E 100 -9.63 21.93 -34.77
N ARG E 101 -8.75 21.15 -34.16
CA ARG E 101 -8.38 19.86 -34.71
C ARG E 101 -7.68 19.05 -33.63
N VAL E 102 -8.13 17.82 -33.41
CA VAL E 102 -7.44 16.94 -32.48
C VAL E 102 -6.11 16.51 -33.07
N SER E 103 -5.17 16.18 -32.18
CA SER E 103 -3.89 15.67 -32.64
C SER E 103 -4.07 14.28 -33.24
N ALA E 104 -3.03 13.82 -33.95
CA ALA E 104 -3.10 12.47 -34.52
C ALA E 104 -3.19 11.42 -33.41
N ALA E 105 -2.44 11.62 -32.33
CA ALA E 105 -2.50 10.70 -31.19
C ALA E 105 -3.89 10.68 -30.58
N GLU E 106 -4.47 11.87 -30.35
CA GLU E 106 -5.82 11.95 -29.80
C GLU E 106 -6.83 11.28 -30.73
N LEU E 107 -6.65 11.43 -32.04
CA LEU E 107 -7.56 10.80 -33.00
C LEU E 107 -7.45 9.28 -32.94
N ALA E 108 -6.23 8.75 -32.74
CA ALA E 108 -6.09 7.31 -32.56
C ALA E 108 -6.77 6.84 -31.28
N GLN E 109 -6.55 7.56 -30.16
CA GLN E 109 -7.26 7.24 -28.93
C GLN E 109 -8.76 7.28 -29.13
N LEU E 110 -9.26 8.18 -29.98
CA LEU E 110 -10.69 8.26 -30.25
C LEU E 110 -11.15 7.08 -31.09
N ASP E 111 -10.31 6.62 -32.02
CA ASP E 111 -10.59 5.37 -32.73
C ASP E 111 -10.79 4.24 -31.73
N GLU E 112 -9.89 4.13 -30.75
CA GLU E 112 -10.00 3.06 -29.76
C GLU E 112 -11.26 3.22 -28.90
N ALA E 113 -11.60 4.46 -28.53
CA ALA E 113 -12.81 4.68 -27.76
C ALA E 113 -14.05 4.27 -28.54
N LEU E 114 -14.10 4.61 -29.83
CA LEU E 114 -15.23 4.22 -30.66
C LEU E 114 -15.32 2.71 -30.80
N LYS E 115 -14.19 2.05 -31.09
CA LYS E 115 -14.17 0.60 -31.16
C LYS E 115 -14.70 -0.03 -29.88
N LEU E 116 -14.27 0.49 -28.74
CA LEU E 116 -14.72 -0.05 -27.46
C LEU E 116 -16.22 0.12 -27.29
N HIS E 117 -16.74 1.33 -27.56
CA HIS E 117 -18.16 1.57 -27.34
C HIS E 117 -19.04 0.77 -28.29
N LEU E 118 -18.59 0.54 -29.52
CA LEU E 118 -19.41 -0.10 -30.54
C LEU E 118 -19.09 -1.58 -30.73
N ASP E 119 -18.29 -2.17 -29.86
CA ASP E 119 -17.88 -3.59 -29.97
C ASP E 119 -17.28 -3.89 -31.33
N LEU E 120 -16.33 -3.05 -31.73
CA LEU E 120 -15.67 -3.20 -33.01
C LEU E 120 -14.20 -3.60 -32.79
N TRP E 121 -13.72 -4.46 -33.68
CA TRP E 121 -12.33 -4.89 -33.69
C TRP E 121 -11.79 -4.69 -35.10
N SER E 122 -10.70 -3.95 -35.23
CA SER E 122 -10.09 -3.71 -36.52
C SER E 122 -9.12 -4.83 -36.90
N PRO F 6 -1.23 -11.03 -34.97
CA PRO F 6 -1.52 -12.36 -35.50
C PRO F 6 -0.85 -13.47 -34.68
N VAL F 7 -0.71 -13.23 -33.37
CA VAL F 7 -0.09 -14.21 -32.50
C VAL F 7 -0.94 -15.46 -32.48
N LYS F 8 -0.35 -16.60 -32.87
CA LYS F 8 -1.04 -17.89 -32.89
C LYS F 8 -0.56 -18.71 -31.70
N LEU F 9 -1.42 -18.83 -30.69
CA LEU F 9 -1.07 -19.51 -29.45
C LEU F 9 -1.67 -20.91 -29.40
N SER F 10 -0.96 -21.80 -28.72
CA SER F 10 -1.47 -23.12 -28.38
C SER F 10 -1.87 -23.12 -26.92
N VAL F 11 -3.17 -23.31 -26.65
CA VAL F 11 -3.69 -23.22 -25.29
C VAL F 11 -4.42 -24.50 -24.94
N SER F 12 -4.56 -24.74 -23.63
CA SER F 12 -5.22 -25.92 -23.09
C SER F 12 -6.35 -25.47 -22.17
N LEU F 13 -7.57 -25.93 -22.45
CA LEU F 13 -8.74 -25.54 -21.68
C LEU F 13 -9.61 -26.76 -21.43
N SER F 14 -10.33 -26.73 -20.32
CA SER F 14 -11.18 -27.85 -19.95
C SER F 14 -12.45 -27.88 -20.80
N ASP F 15 -13.10 -29.04 -20.80
CA ASP F 15 -14.36 -29.20 -21.55
C ASP F 15 -15.39 -28.18 -21.12
N ASP F 16 -15.46 -27.88 -19.82
CA ASP F 16 -16.42 -26.90 -19.32
C ASP F 16 -16.14 -25.52 -19.92
N ASP F 17 -14.88 -25.08 -19.87
CA ASP F 17 -14.53 -23.77 -20.40
C ASP F 17 -14.76 -23.70 -21.90
N VAL F 18 -14.42 -24.76 -22.64
CA VAL F 18 -14.69 -24.77 -24.07
C VAL F 18 -16.19 -24.72 -24.34
N ALA F 19 -16.99 -25.31 -23.47
CA ALA F 19 -18.44 -25.25 -23.62
C ALA F 19 -18.97 -23.85 -23.38
N ILE F 20 -18.49 -23.18 -22.34
CA ILE F 20 -18.90 -21.80 -22.08
C ILE F 20 -18.50 -20.90 -23.24
N LEU F 21 -17.26 -21.06 -23.71
CA LEU F 21 -16.78 -20.26 -24.83
C LEU F 21 -17.63 -20.48 -26.07
N ASP F 22 -17.91 -21.74 -26.41
CA ASP F 22 -18.72 -22.03 -27.59
C ASP F 22 -20.12 -21.47 -27.45
N ALA F 23 -20.70 -21.55 -26.24
CA ALA F 23 -22.03 -21.01 -26.02
C ALA F 23 -22.05 -19.49 -26.22
N TYR F 24 -21.05 -18.79 -25.70
CA TYR F 24 -20.98 -17.34 -25.93
C TYR F 24 -20.78 -17.04 -27.41
N VAL F 25 -19.93 -17.82 -28.09
CA VAL F 25 -19.66 -17.59 -29.51
C VAL F 25 -20.94 -17.74 -30.32
N LYS F 26 -21.75 -18.75 -30.00
CA LYS F 26 -23.02 -18.92 -30.71
C LYS F 26 -24.00 -17.81 -30.37
N ARG F 27 -24.13 -17.47 -29.08
CA ARG F 27 -25.10 -16.46 -28.69
C ARG F 27 -24.76 -15.09 -29.27
N ALA F 28 -23.48 -14.79 -29.45
CA ALA F 28 -23.05 -13.50 -29.96
C ALA F 28 -22.85 -13.50 -31.47
N GLY F 29 -23.05 -14.63 -32.14
CA GLY F 29 -22.88 -14.68 -33.58
C GLY F 29 -21.46 -14.48 -34.05
N LEU F 30 -20.47 -14.91 -33.26
CA LEU F 30 -19.06 -14.79 -33.56
C LEU F 30 -18.59 -15.95 -34.43
N PRO F 31 -17.62 -15.73 -35.30
CA PRO F 31 -17.15 -16.79 -36.20
C PRO F 31 -16.11 -17.72 -35.60
N SER F 32 -15.62 -17.48 -34.39
CA SER F 32 -14.48 -18.24 -33.92
C SER F 32 -14.34 -18.16 -32.40
N ARG F 33 -13.86 -19.28 -31.83
CA ARG F 33 -13.45 -19.30 -30.43
C ARG F 33 -12.42 -18.22 -30.12
N SER F 34 -11.51 -17.95 -31.06
CA SER F 34 -10.56 -16.85 -30.89
C SER F 34 -11.28 -15.52 -30.76
N ALA F 35 -12.33 -15.31 -31.57
CA ALA F 35 -13.13 -14.09 -31.45
C ALA F 35 -13.77 -14.01 -30.08
N GLY F 36 -14.37 -15.11 -29.62
CA GLY F 36 -14.86 -15.16 -28.25
C GLY F 36 -13.79 -14.78 -27.24
N LEU F 37 -12.55 -15.20 -27.49
CA LEU F 37 -11.47 -14.99 -26.53
C LEU F 37 -11.03 -13.52 -26.51
N GLN F 38 -11.02 -12.85 -27.66
CA GLN F 38 -10.67 -11.43 -27.63
C GLN F 38 -11.80 -10.59 -27.05
N HIS F 39 -13.05 -11.05 -27.17
CA HIS F 39 -14.11 -10.46 -26.37
C HIS F 39 -13.80 -10.58 -24.88
N ALA F 40 -13.45 -11.80 -24.43
CA ALA F 40 -13.14 -12.00 -23.02
C ALA F 40 -11.98 -11.12 -22.57
N ILE F 41 -10.95 -10.99 -23.41
CA ILE F 41 -9.77 -10.20 -23.02
C ILE F 41 -10.12 -8.72 -22.95
N ARG F 42 -10.97 -8.24 -23.86
CA ARG F 42 -11.39 -6.84 -23.76
C ARG F 42 -12.22 -6.60 -22.50
N VAL F 43 -13.03 -7.58 -22.10
CA VAL F 43 -13.72 -7.45 -20.82
C VAL F 43 -12.70 -7.40 -19.68
N LEU F 44 -11.66 -8.24 -19.75
CA LEU F 44 -10.60 -8.21 -18.75
C LEU F 44 -9.96 -6.83 -18.66
N ARG F 45 -9.81 -6.14 -19.79
CA ARG F 45 -9.12 -4.86 -19.82
C ARG F 45 -9.86 -3.77 -19.06
N TYR F 46 -11.18 -3.88 -18.91
CA TYR F 46 -11.99 -2.82 -18.29
C TYR F 46 -12.93 -3.44 -17.25
N PRO F 47 -12.46 -3.58 -16.01
CA PRO F 47 -13.26 -4.30 -15.00
C PRO F 47 -14.47 -3.53 -14.47
N THR F 48 -14.49 -2.20 -14.56
CA THR F 48 -15.58 -1.40 -14.01
C THR F 48 -16.29 -0.60 -15.09
N LEU F 49 -16.38 -1.15 -16.30
CA LEU F 49 -16.97 -0.39 -17.41
C LEU F 49 -18.45 -0.10 -17.19
N GLU F 50 -19.17 -1.00 -16.51
CA GLU F 50 -20.56 -0.73 -16.17
C GLU F 50 -20.70 0.52 -15.33
N ASP F 51 -19.90 0.62 -14.26
CA ASP F 51 -19.91 1.80 -13.41
C ASP F 51 -19.48 3.04 -14.19
N ASP F 52 -18.51 2.88 -15.10
CA ASP F 52 -18.09 4.01 -15.94
C ASP F 52 -19.25 4.53 -16.78
N TYR F 53 -20.05 3.63 -17.36
CA TYR F 53 -21.19 4.04 -18.16
C TYR F 53 -22.26 4.71 -17.29
N ALA F 54 -22.56 4.12 -16.13
CA ALA F 54 -23.54 4.73 -15.24
C ALA F 54 -23.13 6.15 -14.86
N ASN F 55 -21.86 6.35 -14.52
CA ASN F 55 -21.40 7.68 -14.13
C ASN F 55 -21.42 8.65 -15.30
N ALA F 56 -20.92 8.23 -16.46
CA ALA F 56 -20.92 9.11 -17.62
C ALA F 56 -22.34 9.53 -18.00
N TRP F 57 -23.29 8.60 -17.90
CA TRP F 57 -24.68 8.94 -18.20
C TRP F 57 -25.24 9.91 -17.16
N GLN F 58 -24.89 9.73 -15.88
CA GLN F 58 -25.35 10.66 -14.86
C GLN F 58 -24.82 12.07 -15.12
N GLU F 59 -23.51 12.20 -15.34
CA GLU F 59 -22.93 13.50 -15.62
C GLU F 59 -23.59 14.13 -16.85
N TRP F 60 -23.74 13.34 -17.91
CA TRP F 60 -24.34 13.82 -19.16
C TRP F 60 -25.75 14.35 -18.93
N SER F 61 -26.54 13.66 -18.09
CA SER F 61 -27.90 14.12 -17.83
C SER F 61 -27.90 15.34 -16.90
N ALA F 62 -26.97 15.37 -15.93
CA ALA F 62 -26.90 16.49 -15.00
C ALA F 62 -26.53 17.79 -15.70
N ALA F 63 -25.72 17.70 -16.76
CA ALA F 63 -25.50 18.88 -17.60
C ALA F 63 -26.74 19.12 -18.44
N GLY F 64 -26.67 20.04 -19.40
CA GLY F 64 -27.79 20.24 -20.31
C GLY F 64 -27.73 19.41 -21.57
N ASP F 65 -26.74 18.51 -21.64
CA ASP F 65 -26.40 17.83 -22.88
C ASP F 65 -27.57 17.03 -23.44
N THR F 66 -28.29 16.31 -22.58
CA THR F 66 -29.41 15.49 -23.04
C THR F 66 -30.39 16.31 -23.88
N ASP F 67 -30.94 17.36 -23.27
CA ASP F 67 -31.91 18.19 -23.97
C ASP F 67 -31.27 18.95 -25.13
N ALA F 68 -29.99 19.31 -25.01
CA ALA F 68 -29.34 20.04 -26.10
C ALA F 68 -29.24 19.18 -27.35
N TRP F 69 -28.66 17.98 -27.23
CA TRP F 69 -28.43 17.12 -28.38
C TRP F 69 -29.67 16.33 -28.79
N GLU F 70 -30.69 16.25 -27.94
CA GLU F 70 -31.86 15.45 -28.26
C GLU F 70 -32.54 15.87 -29.56
N GLN F 71 -32.43 17.15 -29.90
CA GLN F 71 -33.10 17.69 -31.08
C GLN F 71 -32.50 17.21 -32.40
N THR F 72 -31.35 16.53 -32.37
CA THR F 72 -30.77 15.96 -33.58
C THR F 72 -31.22 14.53 -33.82
N VAL F 73 -32.06 13.98 -32.95
CA VAL F 73 -32.40 12.56 -33.00
C VAL F 73 -33.08 12.18 -34.32
N GLY F 74 -33.70 13.14 -34.99
CA GLY F 74 -34.37 12.88 -36.24
C GLY F 74 -33.63 13.30 -37.48
N ASP F 75 -32.40 13.79 -37.35
CA ASP F 75 -31.64 14.24 -38.50
C ASP F 75 -31.34 13.09 -39.45
N GLY F 76 -31.39 13.38 -40.75
CA GLY F 76 -31.06 12.41 -41.78
C GLY F 76 -32.13 11.38 -42.09
N VAL F 77 -33.07 11.16 -41.19
CA VAL F 77 -34.15 10.21 -41.40
C VAL F 77 -35.44 11.00 -41.62
N GLY F 78 -35.96 10.94 -42.85
CA GLY F 78 -37.14 11.69 -43.20
C GLY F 78 -38.07 10.97 -44.16
N ALA G 2 -33.01 -35.98 18.94
CA ALA G 2 -32.64 -34.59 19.12
C ALA G 2 -31.28 -34.29 18.48
N ASP G 3 -30.42 -35.31 18.43
CA ASP G 3 -29.07 -35.16 17.87
C ASP G 3 -29.09 -35.71 16.45
N LEU G 4 -29.61 -34.91 15.53
CA LEU G 4 -29.82 -35.34 14.17
C LEU G 4 -28.63 -35.00 13.28
N MET G 5 -28.57 -35.64 12.11
CA MET G 5 -27.52 -35.41 11.14
C MET G 5 -28.01 -34.46 10.05
N MET G 6 -27.07 -33.72 9.47
CA MET G 6 -27.38 -32.67 8.51
C MET G 6 -26.58 -32.92 7.24
N ARG G 7 -27.28 -33.04 6.11
CA ARG G 7 -26.67 -33.43 4.85
C ARG G 7 -26.54 -32.24 3.92
N ARG G 8 -25.53 -32.29 3.06
CA ARG G 8 -25.30 -31.22 2.11
C ARG G 8 -26.50 -31.07 1.17
N GLY G 9 -26.88 -29.82 0.92
CA GLY G 9 -28.04 -29.54 0.10
C GLY G 9 -29.35 -29.49 0.85
N GLU G 10 -29.34 -29.71 2.16
CA GLU G 10 -30.54 -29.60 2.97
C GLU G 10 -30.70 -28.17 3.47
N ILE G 11 -31.91 -27.66 3.39
CA ILE G 11 -32.28 -26.39 4.00
C ILE G 11 -32.59 -26.65 5.46
N TRP G 12 -31.91 -25.94 6.36
CA TRP G 12 -32.09 -26.12 7.79
C TRP G 12 -32.44 -24.79 8.45
N GLN G 13 -33.25 -24.87 9.50
CA GLN G 13 -33.55 -23.71 10.31
C GLN G 13 -32.45 -23.54 11.36
N VAL G 14 -31.79 -22.39 11.35
CA VAL G 14 -30.64 -22.17 12.23
C VAL G 14 -30.97 -21.10 13.25
N ASP G 15 -30.33 -21.21 14.41
CA ASP G 15 -30.54 -20.34 15.56
C ASP G 15 -29.38 -19.34 15.63
N LEU G 16 -29.68 -18.07 15.38
CA LEU G 16 -28.68 -17.01 15.40
C LEU G 16 -28.62 -16.27 16.72
N ASP G 17 -29.24 -16.81 17.78
CA ASP G 17 -29.18 -16.18 19.08
C ASP G 17 -27.75 -16.17 19.61
N PRO G 18 -27.43 -15.25 20.54
CA PRO G 18 -26.11 -15.20 21.19
C PRO G 18 -25.75 -16.51 21.89
N SER G 22 -31.02 -13.01 24.01
CA SER G 22 -31.67 -14.17 23.42
C SER G 22 -33.19 -14.05 23.48
N GLU G 23 -33.68 -12.82 23.64
CA GLU G 23 -35.12 -12.60 23.71
C GLU G 23 -35.77 -12.48 22.33
N ALA G 24 -34.98 -12.39 21.27
CA ALA G 24 -35.50 -12.30 19.92
C ALA G 24 -35.51 -13.67 19.26
N ASN G 25 -36.52 -13.90 18.43
CA ASN G 25 -36.59 -15.12 17.62
C ASN G 25 -35.79 -14.88 16.35
N ASN G 26 -34.47 -15.08 16.46
CA ASN G 26 -33.58 -15.00 15.31
C ASN G 26 -33.24 -16.42 14.84
N GLN G 27 -34.24 -17.05 14.24
CA GLN G 27 -34.12 -18.34 13.58
C GLN G 27 -34.46 -18.16 12.11
N ARG G 28 -33.61 -18.67 11.22
CA ARG G 28 -33.81 -18.41 9.80
C ARG G 28 -33.08 -19.47 8.99
N PRO G 29 -33.42 -19.65 7.71
CA PRO G 29 -32.96 -20.83 6.97
C PRO G 29 -31.62 -20.64 6.26
N ALA G 30 -30.92 -21.76 6.09
CA ALA G 30 -29.63 -21.79 5.42
C ALA G 30 -29.44 -23.18 4.79
N VAL G 31 -28.72 -23.22 3.68
CA VAL G 31 -28.45 -24.47 2.98
C VAL G 31 -27.11 -25.03 3.46
N VAL G 32 -27.09 -26.31 3.82
CA VAL G 32 -25.84 -26.96 4.20
C VAL G 32 -24.98 -27.18 2.97
N VAL G 33 -23.71 -26.78 3.05
CA VAL G 33 -22.83 -26.88 1.89
C VAL G 33 -21.55 -27.65 2.24
N SER G 34 -21.29 -27.87 3.52
CA SER G 34 -20.20 -28.74 3.91
C SER G 34 -20.57 -30.20 3.62
N ASN G 35 -19.54 -31.03 3.42
CA ASN G 35 -19.80 -32.39 2.97
C ASN G 35 -20.31 -33.26 4.11
N ASP G 36 -20.98 -34.36 3.72
CA ASP G 36 -21.70 -35.19 4.69
C ASP G 36 -20.77 -35.87 5.68
N ARG G 37 -19.55 -36.23 5.27
CA ARG G 37 -18.60 -36.81 6.21
C ARG G 37 -18.29 -35.82 7.34
N ALA G 38 -17.84 -34.62 6.95
CA ALA G 38 -17.51 -33.59 7.92
C ALA G 38 -18.70 -33.24 8.80
N ASN G 39 -19.90 -33.22 8.22
CA ASN G 39 -21.08 -32.94 9.03
C ASN G 39 -21.33 -34.05 10.05
N ALA G 40 -21.21 -35.31 9.61
CA ALA G 40 -21.46 -36.45 10.49
C ALA G 40 -20.53 -36.42 11.70
N THR G 41 -19.23 -36.18 11.46
CA THR G 41 -18.28 -36.12 12.58
C THR G 41 -18.52 -34.87 13.42
N ALA G 42 -18.84 -33.75 12.76
CA ALA G 42 -19.02 -32.48 13.47
C ALA G 42 -20.16 -32.55 14.47
N THR G 43 -21.25 -33.25 14.12
CA THR G 43 -22.33 -33.43 15.09
C THR G 43 -21.85 -34.12 16.35
N ARG G 44 -20.81 -34.94 16.25
CA ARG G 44 -20.32 -35.73 17.37
C ARG G 44 -19.19 -35.05 18.14
N LEU G 45 -18.53 -34.05 17.55
CA LEU G 45 -17.48 -33.36 18.28
C LEU G 45 -18.05 -32.28 19.20
N GLY G 46 -17.20 -31.76 20.07
CA GLY G 46 -17.66 -30.79 21.07
C GLY G 46 -17.92 -29.42 20.47
N ARG G 47 -16.98 -28.91 19.68
CA ARG G 47 -17.17 -27.62 19.03
C ARG G 47 -17.14 -27.76 17.52
N GLY G 48 -17.91 -28.70 16.98
CA GLY G 48 -17.98 -28.89 15.55
C GLY G 48 -18.79 -27.79 14.88
N VAL G 49 -18.53 -27.62 13.58
CA VAL G 49 -19.18 -26.58 12.79
C VAL G 49 -19.71 -27.19 11.50
N ILE G 50 -20.76 -26.55 10.98
CA ILE G 50 -21.34 -26.85 9.67
C ILE G 50 -21.26 -25.59 8.83
N THR G 51 -20.83 -25.74 7.59
CA THR G 51 -20.76 -24.62 6.66
C THR G 51 -22.09 -24.51 5.94
N VAL G 52 -22.72 -23.35 6.04
CA VAL G 52 -24.05 -23.10 5.48
C VAL G 52 -24.01 -21.81 4.67
N VAL G 53 -25.04 -21.66 3.83
CA VAL G 53 -25.25 -20.49 2.99
C VAL G 53 -26.60 -19.89 3.38
N PRO G 54 -26.63 -18.65 3.86
CA PRO G 54 -27.90 -18.07 4.31
C PRO G 54 -28.92 -17.98 3.18
N VAL G 55 -30.20 -18.05 3.55
CA VAL G 55 -31.29 -18.00 2.59
C VAL G 55 -32.17 -16.80 2.92
N THR G 56 -32.54 -16.04 1.90
CA THR G 56 -33.38 -14.87 2.10
C THR G 56 -34.63 -14.94 1.22
N SER G 57 -35.73 -14.41 1.76
CA SER G 57 -36.99 -14.31 1.02
C SER G 57 -36.98 -13.18 0.01
N ASN G 58 -36.02 -12.27 0.09
CA ASN G 58 -35.88 -11.16 -0.87
C ASN G 58 -35.30 -11.71 -2.17
N ILE G 59 -36.12 -11.72 -3.23
CA ILE G 59 -35.74 -12.38 -4.47
C ILE G 59 -35.95 -11.47 -5.67
N ALA G 60 -35.94 -10.15 -5.45
CA ALA G 60 -36.13 -9.22 -6.56
C ALA G 60 -35.07 -9.42 -7.63
N LYS G 61 -33.83 -9.65 -7.23
CA LYS G 61 -32.74 -9.95 -8.14
C LYS G 61 -31.95 -11.14 -7.60
N VAL G 62 -31.51 -12.02 -8.50
CA VAL G 62 -30.68 -13.16 -8.15
C VAL G 62 -29.35 -12.99 -8.87
N TYR G 63 -28.31 -12.66 -8.12
CA TYR G 63 -26.99 -12.42 -8.67
C TYR G 63 -26.29 -13.75 -8.95
N PRO G 64 -25.23 -13.73 -9.77
CA PRO G 64 -24.62 -15.02 -10.18
C PRO G 64 -24.11 -15.87 -9.03
N PHE G 65 -23.74 -15.27 -7.91
CA PHE G 65 -23.31 -16.02 -6.74
C PHE G 65 -24.46 -16.38 -5.82
N GLN G 66 -25.69 -16.29 -6.31
CA GLN G 66 -26.88 -16.63 -5.55
C GLN G 66 -27.73 -17.60 -6.36
N VAL G 67 -28.63 -18.31 -5.67
CA VAL G 67 -29.41 -19.37 -6.31
C VAL G 67 -30.89 -19.22 -5.95
N LEU G 68 -31.74 -19.22 -6.97
CA LEU G 68 -33.18 -19.20 -6.75
C LEU G 68 -33.64 -20.58 -6.25
N LEU G 69 -34.25 -20.60 -5.07
CA LEU G 69 -34.84 -21.81 -4.51
C LEU G 69 -36.35 -21.69 -4.59
N SER G 70 -36.96 -22.53 -5.41
CA SER G 70 -38.40 -22.46 -5.65
C SER G 70 -39.17 -23.06 -4.48
N ALA G 71 -40.33 -22.47 -4.19
CA ALA G 71 -41.13 -22.89 -3.05
C ALA G 71 -41.60 -24.33 -3.19
N THR G 72 -41.81 -24.98 -2.05
CA THR G 72 -42.31 -26.35 -2.01
C THR G 72 -43.39 -26.44 -0.94
N THR G 73 -44.25 -27.45 -1.07
CA THR G 73 -45.36 -27.63 -0.14
C THR G 73 -44.85 -27.96 1.26
N THR G 74 -43.80 -28.78 1.36
CA THR G 74 -43.32 -29.24 2.65
C THR G 74 -42.17 -28.40 3.19
N GLY G 75 -41.46 -27.66 2.35
CA GLY G 75 -40.34 -26.87 2.80
C GLY G 75 -40.60 -25.38 2.86
N LEU G 76 -39.85 -24.60 2.10
CA LEU G 76 -40.05 -23.16 2.04
C LEU G 76 -41.32 -22.87 1.24
N GLN G 77 -42.28 -22.18 1.87
CA GLN G 77 -43.56 -21.93 1.25
C GLN G 77 -43.54 -20.77 0.25
N VAL G 78 -42.45 -20.00 0.19
CA VAL G 78 -42.28 -18.98 -0.82
C VAL G 78 -40.89 -19.13 -1.44
N ASP G 79 -40.74 -18.58 -2.64
CA ASP G 79 -39.44 -18.59 -3.30
C ASP G 79 -38.42 -17.82 -2.46
N CYS G 80 -37.19 -18.32 -2.45
CA CYS G 80 -36.12 -17.69 -1.70
C CYS G 80 -34.86 -17.72 -2.55
N LYS G 81 -33.74 -17.25 -1.98
CA LYS G 81 -32.48 -17.38 -2.68
C LYS G 81 -31.37 -17.63 -1.68
N ALA G 82 -30.47 -18.54 -2.06
CA ALA G 82 -29.28 -18.85 -1.29
C ALA G 82 -28.17 -17.88 -1.69
N GLN G 83 -27.55 -17.26 -0.68
CA GLN G 83 -26.52 -16.24 -0.90
C GLN G 83 -25.16 -16.86 -0.60
N ALA G 84 -24.54 -17.42 -1.64
CA ALA G 84 -23.23 -18.06 -1.46
C ALA G 84 -22.15 -17.06 -1.10
N GLU G 85 -22.32 -15.79 -1.45
CA GLU G 85 -21.35 -14.77 -1.04
C GLU G 85 -21.36 -14.52 0.46
N GLN G 86 -22.32 -15.10 1.19
CA GLN G 86 -22.41 -14.98 2.64
C GLN G 86 -22.14 -16.30 3.35
N ILE G 87 -21.37 -17.19 2.72
CA ILE G 87 -21.10 -18.51 3.28
C ILE G 87 -20.45 -18.36 4.66
N ARG G 88 -20.90 -19.19 5.61
CA ARG G 88 -20.38 -19.12 6.98
C ARG G 88 -20.39 -20.50 7.61
N SER G 89 -19.39 -20.76 8.45
CA SER G 89 -19.34 -21.97 9.26
C SER G 89 -19.82 -21.63 10.66
N ILE G 90 -20.85 -22.35 11.13
CA ILE G 90 -21.50 -22.06 12.40
C ILE G 90 -21.53 -23.33 13.26
N ALA G 91 -21.73 -23.13 14.56
CA ALA G 91 -21.74 -24.26 15.49
C ALA G 91 -22.89 -25.20 15.17
N THR G 92 -22.65 -26.51 15.38
CA THR G 92 -23.64 -27.51 15.03
C THR G 92 -24.93 -27.35 15.84
N GLU G 93 -24.80 -26.96 17.11
CA GLU G 93 -25.99 -26.79 17.95
C GLU G 93 -26.93 -25.72 17.43
N ARG G 94 -26.50 -24.90 16.48
CA ARG G 94 -27.36 -23.86 15.93
C ARG G 94 -28.37 -24.40 14.92
N LEU G 95 -28.11 -25.56 14.33
CA LEU G 95 -29.01 -26.14 13.33
C LEU G 95 -30.08 -26.94 14.06
N LEU G 96 -31.31 -26.43 14.03
CA LEU G 96 -32.41 -27.01 14.82
C LEU G 96 -33.04 -28.20 14.12
N ARG G 97 -33.58 -27.96 12.93
CA ARG G 97 -34.41 -28.93 12.23
C ARG G 97 -34.22 -28.75 10.74
N PRO G 98 -34.38 -29.83 9.96
CA PRO G 98 -34.45 -29.67 8.50
C PRO G 98 -35.82 -29.14 8.09
N ILE G 99 -35.79 -28.08 7.29
CA ILE G 99 -36.95 -27.60 6.56
C ILE G 99 -37.17 -28.41 5.29
N GLY G 100 -36.09 -28.73 4.59
CA GLY G 100 -36.20 -29.50 3.38
C GLY G 100 -34.90 -29.79 2.66
N ARG G 101 -34.96 -29.86 1.32
CA ARG G 101 -33.82 -30.26 0.51
C ARG G 101 -33.94 -29.63 -0.87
N VAL G 102 -32.88 -28.93 -1.29
CA VAL G 102 -32.88 -28.35 -2.63
C VAL G 102 -32.78 -29.47 -3.67
N SER G 103 -33.32 -29.20 -4.85
CA SER G 103 -33.23 -30.16 -5.93
C SER G 103 -31.79 -30.25 -6.44
N ALA G 104 -31.52 -31.29 -7.23
CA ALA G 104 -30.19 -31.44 -7.80
C ALA G 104 -29.84 -30.29 -8.74
N ALA G 105 -30.84 -29.71 -9.40
CA ALA G 105 -30.60 -28.55 -10.25
C ALA G 105 -30.18 -27.35 -9.41
N GLU G 106 -30.93 -27.06 -8.35
CA GLU G 106 -30.60 -25.95 -7.47
C GLU G 106 -29.25 -26.16 -6.80
N LEU G 107 -28.89 -27.41 -6.50
CA LEU G 107 -27.61 -27.68 -5.85
C LEU G 107 -26.45 -27.59 -6.84
N ALA G 108 -26.67 -27.97 -8.10
CA ALA G 108 -25.65 -27.74 -9.11
C ALA G 108 -25.42 -26.26 -9.33
N GLN G 109 -26.50 -25.47 -9.40
CA GLN G 109 -26.36 -24.02 -9.45
C GLN G 109 -25.62 -23.49 -8.22
N LEU G 110 -25.87 -24.08 -7.06
CA LEU G 110 -25.19 -23.62 -5.85
C LEU G 110 -23.71 -23.99 -5.88
N ASP G 111 -23.37 -25.16 -6.45
CA ASP G 111 -21.98 -25.51 -6.64
C ASP G 111 -21.28 -24.48 -7.53
N GLU G 112 -21.94 -24.12 -8.64
CA GLU G 112 -21.37 -23.10 -9.52
C GLU G 112 -21.19 -21.77 -8.81
N ALA G 113 -22.18 -21.38 -8.00
CA ALA G 113 -22.09 -20.09 -7.31
C ALA G 113 -21.00 -20.09 -6.25
N LEU G 114 -20.82 -21.22 -5.56
CA LEU G 114 -19.74 -21.34 -4.59
C LEU G 114 -18.38 -21.29 -5.27
N LYS G 115 -18.22 -22.01 -6.38
CA LYS G 115 -16.96 -21.97 -7.11
C LYS G 115 -16.68 -20.57 -7.64
N LEU G 116 -17.72 -19.87 -8.10
CA LEU G 116 -17.55 -18.50 -8.57
C LEU G 116 -17.09 -17.59 -7.44
N HIS G 117 -17.79 -17.62 -6.31
CA HIS G 117 -17.46 -16.71 -5.21
C HIS G 117 -16.08 -17.01 -4.65
N LEU G 118 -15.69 -18.28 -4.59
CA LEU G 118 -14.44 -18.67 -3.96
C LEU G 118 -13.30 -18.87 -4.96
N ASP G 119 -13.52 -18.54 -6.23
CA ASP G 119 -12.49 -18.62 -7.26
C ASP G 119 -11.95 -20.04 -7.39
N LEU G 120 -12.87 -20.99 -7.48
CA LEU G 120 -12.54 -22.40 -7.58
C LEU G 120 -13.02 -22.96 -8.92
N TRP G 121 -12.29 -23.95 -9.43
CA TRP G 121 -12.63 -24.64 -10.67
C TRP G 121 -12.59 -26.14 -10.43
N SER G 122 -13.65 -26.84 -10.85
CA SER G 122 -13.66 -28.28 -10.78
C SER G 122 -12.69 -28.86 -11.80
N ALA H 2 -3.42 3.06 1.11
CA ALA H 2 -4.38 4.00 1.65
C ALA H 2 -5.74 3.34 1.81
N ASP H 3 -6.20 2.66 0.77
CA ASP H 3 -7.40 1.83 0.82
C ASP H 3 -7.02 0.38 1.03
N LEU H 4 -7.87 -0.34 1.76
CA LEU H 4 -7.64 -1.76 2.02
C LEU H 4 -7.63 -2.53 0.72
N MET H 5 -6.51 -3.18 0.40
CA MET H 5 -6.40 -4.00 -0.81
C MET H 5 -6.30 -5.46 -0.39
N MET H 6 -7.43 -6.01 0.03
CA MET H 6 -7.50 -7.44 0.32
C MET H 6 -7.46 -8.22 -0.97
N ARG H 7 -6.67 -9.30 -0.98
CA ARG H 7 -6.55 -10.12 -2.18
C ARG H 7 -6.42 -11.58 -1.80
N ARG H 8 -6.95 -12.44 -2.67
CA ARG H 8 -7.01 -13.87 -2.40
C ARG H 8 -5.61 -14.44 -2.22
N GLY H 9 -5.47 -15.28 -1.19
CA GLY H 9 -4.19 -15.87 -0.85
C GLY H 9 -3.37 -15.08 0.14
N GLU H 10 -3.80 -13.87 0.48
CA GLU H 10 -3.09 -13.07 1.46
C GLU H 10 -3.60 -13.38 2.86
N ILE H 11 -2.70 -13.27 3.83
CA ILE H 11 -2.97 -13.56 5.23
C ILE H 11 -3.22 -12.23 5.94
N TRP H 12 -4.33 -12.15 6.67
CA TRP H 12 -4.69 -10.95 7.42
C TRP H 12 -5.02 -11.31 8.85
N GLN H 13 -4.74 -10.38 9.75
CA GLN H 13 -5.27 -10.48 11.11
C GLN H 13 -6.72 -10.02 11.09
N VAL H 14 -7.62 -10.87 11.59
CA VAL H 14 -9.04 -10.60 11.56
C VAL H 14 -9.61 -10.69 12.97
N ASP H 15 -10.67 -9.93 13.20
CA ASP H 15 -11.38 -9.89 14.47
C ASP H 15 -12.63 -10.75 14.35
N LEU H 16 -12.64 -11.89 15.04
CA LEU H 16 -13.75 -12.84 14.99
C LEU H 16 -14.56 -12.84 16.28
N ASP H 17 -14.50 -11.78 17.05
CA ASP H 17 -15.33 -11.68 18.24
C ASP H 17 -16.67 -11.06 17.88
N PRO H 18 -17.79 -11.68 18.29
CA PRO H 18 -19.10 -11.08 17.98
C PRO H 18 -19.26 -9.67 18.52
N ALA H 19 -18.69 -9.39 19.69
CA ALA H 19 -18.57 -8.03 20.20
C ALA H 19 -17.22 -7.50 19.74
N ARG H 20 -17.24 -6.63 18.73
CA ARG H 20 -16.01 -6.17 18.10
C ARG H 20 -15.10 -5.48 19.10
N GLY H 21 -13.83 -5.88 19.11
CA GLY H 21 -12.83 -5.30 19.98
C GLY H 21 -12.87 -5.76 21.42
N SER H 22 -13.92 -6.49 21.83
CA SER H 22 -14.09 -6.91 23.21
C SER H 22 -12.86 -7.66 23.72
N GLU H 23 -12.57 -8.81 23.12
CA GLU H 23 -11.42 -9.62 23.49
C GLU H 23 -10.29 -9.38 22.48
N ALA H 24 -9.23 -10.17 22.60
CA ALA H 24 -8.12 -10.07 21.66
C ALA H 24 -7.67 -11.48 21.29
N ASN H 25 -7.85 -12.43 22.20
CA ASN H 25 -7.61 -13.82 21.87
C ASN H 25 -8.57 -14.33 20.80
N ASN H 26 -9.59 -13.55 20.44
CA ASN H 26 -10.47 -13.84 19.31
C ASN H 26 -10.07 -13.08 18.05
N GLN H 27 -8.81 -12.69 17.95
CA GLN H 27 -8.24 -12.10 16.74
C GLN H 27 -7.18 -13.04 16.21
N ARG H 28 -7.37 -13.55 15.00
CA ARG H 28 -6.53 -14.60 14.46
C ARG H 28 -6.14 -14.27 13.03
N PRO H 29 -5.04 -14.83 12.53
CA PRO H 29 -4.76 -14.75 11.10
C PRO H 29 -5.76 -15.57 10.30
N ALA H 30 -5.89 -15.22 9.03
CA ALA H 30 -6.84 -15.88 8.14
C ALA H 30 -6.43 -15.58 6.70
N VAL H 31 -6.72 -16.51 5.81
CA VAL H 31 -6.38 -16.37 4.39
C VAL H 31 -7.62 -15.90 3.65
N VAL H 32 -7.46 -14.86 2.83
CA VAL H 32 -8.58 -14.42 1.99
C VAL H 32 -8.80 -15.44 0.88
N VAL H 33 -10.04 -15.90 0.74
CA VAL H 33 -10.38 -16.90 -0.27
C VAL H 33 -11.48 -16.42 -1.22
N SER H 34 -12.15 -15.32 -0.94
CA SER H 34 -13.09 -14.76 -1.90
C SER H 34 -12.34 -14.25 -3.13
N ASN H 35 -13.02 -14.24 -4.26
CA ASN H 35 -12.37 -13.84 -5.51
C ASN H 35 -12.01 -12.36 -5.48
N ASP H 36 -11.01 -12.00 -6.29
CA ASP H 36 -10.45 -10.67 -6.28
C ASP H 36 -11.33 -9.64 -6.99
N ARG H 37 -12.37 -10.07 -7.71
CA ARG H 37 -13.34 -9.10 -8.21
C ARG H 37 -14.22 -8.60 -7.08
N ALA H 38 -14.69 -9.52 -6.22
CA ALA H 38 -15.37 -9.11 -5.01
C ALA H 38 -14.44 -8.32 -4.09
N ASN H 39 -13.21 -8.80 -3.91
CA ASN H 39 -12.28 -8.10 -3.02
C ASN H 39 -11.98 -6.70 -3.53
N ALA H 40 -11.72 -6.57 -4.83
CA ALA H 40 -11.43 -5.25 -5.39
C ALA H 40 -12.65 -4.35 -5.35
N THR H 41 -13.85 -4.92 -5.49
CA THR H 41 -15.06 -4.11 -5.32
C THR H 41 -15.18 -3.59 -3.89
N ALA H 42 -14.84 -4.43 -2.91
CA ALA H 42 -14.87 -4.00 -1.52
C ALA H 42 -13.83 -2.92 -1.26
N THR H 43 -12.65 -3.04 -1.88
CA THR H 43 -11.66 -1.98 -1.81
C THR H 43 -12.21 -0.67 -2.39
N ARG H 44 -12.80 -0.75 -3.58
CA ARG H 44 -13.25 0.45 -4.27
C ARG H 44 -14.37 1.14 -3.51
N LEU H 45 -15.33 0.37 -2.98
CA LEU H 45 -16.39 0.96 -2.17
C LEU H 45 -15.94 1.31 -0.76
N GLY H 46 -14.77 0.85 -0.34
CA GLY H 46 -14.35 1.04 1.03
C GLY H 46 -15.14 0.26 2.05
N ARG H 47 -16.04 -0.61 1.60
CA ARG H 47 -16.87 -1.40 2.49
C ARG H 47 -17.36 -2.64 1.73
N GLY H 48 -17.53 -3.73 2.45
CA GLY H 48 -17.99 -4.95 1.83
C GLY H 48 -17.83 -6.15 2.74
N VAL H 49 -18.07 -7.32 2.17
CA VAL H 49 -17.96 -8.60 2.87
C VAL H 49 -17.01 -9.49 2.09
N ILE H 50 -15.98 -10.00 2.77
CA ILE H 50 -15.03 -10.90 2.15
C ILE H 50 -15.06 -12.23 2.89
N THR H 51 -14.52 -13.26 2.24
CA THR H 51 -14.55 -14.62 2.77
C THR H 51 -13.14 -15.06 3.12
N VAL H 52 -12.96 -15.60 4.33
CA VAL H 52 -11.66 -15.96 4.84
C VAL H 52 -11.68 -17.38 5.42
N VAL H 53 -10.50 -17.97 5.49
CA VAL H 53 -10.22 -19.27 6.09
C VAL H 53 -9.35 -19.03 7.31
N PRO H 54 -9.84 -19.28 8.52
CA PRO H 54 -9.04 -19.01 9.73
C PRO H 54 -7.78 -19.87 9.78
N VAL H 55 -6.81 -19.37 10.52
CA VAL H 55 -5.47 -19.96 10.62
C VAL H 55 -5.15 -20.16 12.09
N THR H 56 -4.58 -21.33 12.42
CA THR H 56 -4.18 -21.60 13.79
C THR H 56 -2.74 -22.12 13.82
N SER H 57 -2.07 -21.89 14.94
CA SER H 57 -0.71 -22.38 15.13
C SER H 57 -0.66 -23.80 15.68
N ASN H 58 -1.82 -24.39 15.98
CA ASN H 58 -1.89 -25.77 16.46
C ASN H 58 -1.79 -26.69 15.24
N ILE H 59 -0.61 -27.31 15.06
CA ILE H 59 -0.36 -28.12 13.88
C ILE H 59 0.01 -29.55 14.27
N ALA H 60 -0.48 -30.00 15.42
CA ALA H 60 -0.30 -31.40 15.78
C ALA H 60 -1.03 -32.31 14.79
N LYS H 61 -2.21 -31.91 14.35
CA LYS H 61 -2.97 -32.61 13.32
C LYS H 61 -3.19 -31.67 12.14
N VAL H 62 -2.92 -32.16 10.93
CA VAL H 62 -3.22 -31.43 9.70
C VAL H 62 -4.03 -32.39 8.83
N TYR H 63 -5.34 -32.21 8.83
CA TYR H 63 -6.24 -33.09 8.08
C TYR H 63 -6.24 -32.71 6.60
N PRO H 64 -6.77 -33.59 5.74
CA PRO H 64 -6.78 -33.27 4.29
C PRO H 64 -7.51 -31.99 3.94
N PHE H 65 -8.46 -31.54 4.76
CA PHE H 65 -9.16 -30.28 4.52
C PHE H 65 -8.47 -29.10 5.18
N GLN H 66 -7.20 -29.23 5.53
CA GLN H 66 -6.41 -28.16 6.13
C GLN H 66 -5.08 -28.07 5.41
N VAL H 67 -4.42 -26.91 5.51
CA VAL H 67 -3.22 -26.65 4.72
C VAL H 67 -2.11 -26.14 5.64
N LEU H 68 -0.96 -26.81 5.61
CA LEU H 68 0.18 -26.32 6.38
C LEU H 68 0.78 -25.09 5.70
N LEU H 69 0.89 -24.01 6.46
CA LEU H 69 1.49 -22.76 6.00
C LEU H 69 2.83 -22.58 6.69
N SER H 70 3.90 -22.52 5.89
CA SER H 70 5.24 -22.43 6.44
C SER H 70 5.47 -21.05 7.07
N ALA H 71 6.18 -21.03 8.19
CA ALA H 71 6.52 -19.78 8.86
C ALA H 71 7.36 -18.87 7.98
N THR H 72 7.93 -19.41 6.90
CA THR H 72 8.76 -18.66 5.95
C THR H 72 8.06 -17.39 5.46
N LEU H 76 3.51 -14.65 9.44
CA LEU H 76 3.47 -15.58 10.56
C LEU H 76 4.87 -16.07 10.88
N GLN H 77 5.25 -16.00 12.17
CA GLN H 77 6.59 -16.39 12.59
C GLN H 77 6.71 -17.87 12.93
N VAL H 78 5.59 -18.56 13.15
CA VAL H 78 5.60 -20.00 13.38
C VAL H 78 4.75 -20.66 12.30
N ASP H 79 5.06 -21.93 12.03
CA ASP H 79 4.26 -22.71 11.10
C ASP H 79 2.81 -22.77 11.60
N CYS H 80 1.87 -22.69 10.67
CA CYS H 80 0.46 -22.68 11.02
C CYS H 80 -0.28 -23.61 10.08
N LYS H 81 -1.60 -23.64 10.23
CA LYS H 81 -2.45 -24.36 9.29
C LYS H 81 -3.73 -23.56 9.06
N ALA H 82 -4.11 -23.48 7.79
CA ALA H 82 -5.39 -22.90 7.40
C ALA H 82 -6.46 -23.97 7.46
N GLN H 83 -7.56 -23.65 8.13
CA GLN H 83 -8.66 -24.58 8.39
C GLN H 83 -9.79 -24.24 7.42
N ALA H 84 -9.78 -24.89 6.25
CA ALA H 84 -10.81 -24.65 5.26
C ALA H 84 -12.20 -24.95 5.80
N GLU H 85 -12.31 -25.88 6.75
CA GLU H 85 -13.60 -26.22 7.32
C GLU H 85 -14.15 -25.13 8.23
N GLN H 86 -13.37 -24.09 8.53
CA GLN H 86 -13.82 -22.96 9.33
C GLN H 86 -14.11 -21.73 8.48
N ILE H 87 -14.28 -21.91 7.17
CA ILE H 87 -14.43 -20.79 6.24
C ILE H 87 -15.63 -19.94 6.63
N ARG H 88 -15.51 -18.62 6.49
CA ARG H 88 -16.61 -17.75 6.85
C ARG H 88 -16.45 -16.38 6.19
N SER H 89 -17.59 -15.77 5.88
CA SER H 89 -17.62 -14.41 5.37
C SER H 89 -17.77 -13.42 6.52
N ILE H 90 -17.01 -12.33 6.44
CA ILE H 90 -16.97 -11.30 7.47
C ILE H 90 -16.97 -9.94 6.79
N ALA H 91 -17.46 -8.93 7.51
CA ALA H 91 -17.40 -7.56 7.04
C ALA H 91 -15.96 -7.08 6.99
N THR H 92 -15.67 -6.20 6.03
CA THR H 92 -14.31 -5.71 5.86
C THR H 92 -13.80 -4.94 7.07
N GLU H 93 -14.70 -4.43 7.92
CA GLU H 93 -14.27 -3.73 9.12
C GLU H 93 -13.54 -4.64 10.10
N ARG H 94 -13.78 -5.95 10.01
CA ARG H 94 -13.09 -6.91 10.85
C ARG H 94 -11.70 -7.26 10.33
N LEU H 95 -11.31 -6.69 9.20
CA LEU H 95 -9.95 -6.85 8.67
C LEU H 95 -9.05 -5.86 9.41
N LEU H 96 -8.09 -6.38 10.18
CA LEU H 96 -7.26 -5.53 11.02
C LEU H 96 -6.01 -5.05 10.30
N ARG H 97 -5.14 -5.98 9.89
CA ARG H 97 -3.87 -5.63 9.29
C ARG H 97 -3.37 -6.75 8.41
N PRO H 98 -2.70 -6.44 7.30
CA PRO H 98 -2.09 -7.50 6.50
C PRO H 98 -0.85 -8.07 7.16
N ILE H 99 -0.74 -9.39 7.12
CA ILE H 99 0.38 -10.13 7.69
C ILE H 99 1.33 -10.63 6.59
N GLY H 100 0.77 -11.26 5.55
CA GLY H 100 1.58 -11.79 4.47
C GLY H 100 0.79 -12.38 3.32
N ARG H 101 1.32 -13.46 2.75
CA ARG H 101 0.76 -14.07 1.55
C ARG H 101 1.28 -15.49 1.44
N VAL H 102 0.36 -16.45 1.23
CA VAL H 102 0.78 -17.84 1.07
C VAL H 102 1.45 -18.03 -0.28
N SER H 103 2.29 -19.05 -0.37
CA SER H 103 2.90 -19.39 -1.64
C SER H 103 1.84 -19.87 -2.63
N ALA H 104 2.21 -19.85 -3.91
CA ALA H 104 1.28 -20.32 -4.94
C ALA H 104 0.91 -21.78 -4.71
N ALA H 105 1.88 -22.60 -4.28
CA ALA H 105 1.58 -24.00 -3.98
C ALA H 105 0.66 -24.13 -2.78
N GLU H 106 0.87 -23.32 -1.74
CA GLU H 106 -0.01 -23.34 -0.58
C GLU H 106 -1.43 -22.93 -0.97
N LEU H 107 -1.55 -21.96 -1.87
CA LEU H 107 -2.88 -21.52 -2.31
C LEU H 107 -3.55 -22.59 -3.17
N ALA H 108 -2.77 -23.34 -3.96
CA ALA H 108 -3.35 -24.46 -4.70
C ALA H 108 -3.86 -25.53 -3.75
N GLN H 109 -3.04 -25.90 -2.76
CA GLN H 109 -3.48 -26.84 -1.74
C GLN H 109 -4.71 -26.35 -1.01
N LEU H 110 -4.84 -25.03 -0.82
CA LEU H 110 -6.02 -24.49 -0.18
C LEU H 110 -7.23 -24.56 -1.09
N ASP H 111 -7.03 -24.39 -2.40
CA ASP H 111 -8.11 -24.61 -3.35
C ASP H 111 -8.62 -26.04 -3.26
N GLU H 112 -7.71 -27.02 -3.19
CA GLU H 112 -8.13 -28.41 -3.09
C GLU H 112 -8.78 -28.71 -1.74
N ALA H 113 -8.32 -28.06 -0.67
CA ALA H 113 -8.93 -28.27 0.64
C ALA H 113 -10.34 -27.70 0.67
N LEU H 114 -10.54 -26.54 0.04
CA LEU H 114 -11.88 -25.97 -0.05
C LEU H 114 -12.81 -26.84 -0.90
N LYS H 115 -12.30 -27.34 -2.03
CA LYS H 115 -13.13 -28.22 -2.86
C LYS H 115 -13.48 -29.50 -2.13
N LEU H 116 -12.56 -30.02 -1.32
CA LEU H 116 -12.84 -31.23 -0.55
C LEU H 116 -13.87 -30.95 0.54
N HIS H 117 -13.69 -29.88 1.30
CA HIS H 117 -14.61 -29.58 2.40
C HIS H 117 -16.01 -29.26 1.88
N LEU H 118 -16.10 -28.55 0.76
CA LEU H 118 -17.37 -28.08 0.24
C LEU H 118 -17.95 -28.99 -0.85
N ASP H 119 -17.31 -30.14 -1.09
CA ASP H 119 -17.79 -31.11 -2.09
C ASP H 119 -17.86 -30.49 -3.48
N LEU H 120 -16.84 -29.71 -3.85
CA LEU H 120 -16.80 -29.01 -5.11
C LEU H 120 -15.77 -29.56 -6.08
N TRP H 121 -15.15 -30.70 -5.75
CA TRP H 121 -14.15 -31.30 -6.63
C TRP H 121 -14.75 -32.00 -7.82
N SER H 122 -16.04 -32.35 -7.76
CA SER H 122 -16.84 -32.87 -8.88
C SER H 122 -16.10 -33.76 -9.89
N ASP I 3 -1.29 -0.84 -24.73
CA ASP I 3 -1.75 0.19 -23.80
C ASP I 3 -2.32 -0.48 -22.54
N LEU I 4 -1.44 -0.80 -21.61
CA LEU I 4 -1.82 -1.51 -20.39
C LEU I 4 -2.07 -0.52 -19.26
N MET I 5 -2.85 -0.97 -18.28
CA MET I 5 -3.09 -0.20 -17.07
C MET I 5 -2.08 -0.62 -16.00
N MET I 6 -1.58 0.37 -15.27
CA MET I 6 -0.56 0.20 -14.26
C MET I 6 -1.11 0.68 -12.92
N ARG I 7 -1.05 -0.18 -11.92
CA ARG I 7 -1.71 0.10 -10.65
C ARG I 7 -0.72 0.08 -9.51
N ARG I 8 -1.05 0.84 -8.46
CA ARG I 8 -0.19 0.94 -7.29
C ARG I 8 0.02 -0.43 -6.67
N GLY I 9 1.25 -0.68 -6.23
CA GLY I 9 1.63 -1.96 -5.67
C GLY I 9 2.12 -2.97 -6.68
N GLU I 10 1.98 -2.68 -7.98
CA GLU I 10 2.46 -3.60 -9.00
C GLU I 10 3.95 -3.42 -9.22
N ILE I 11 4.65 -4.54 -9.32
CA ILE I 11 6.04 -4.57 -9.74
C ILE I 11 6.05 -4.54 -11.25
N TRP I 12 6.76 -3.59 -11.84
CA TRP I 12 6.85 -3.45 -13.29
C TRP I 12 8.31 -3.49 -13.74
N GLN I 13 8.50 -3.96 -14.96
CA GLN I 13 9.79 -3.93 -15.62
C GLN I 13 9.89 -2.65 -16.43
N VAL I 14 10.86 -1.81 -16.09
CA VAL I 14 11.01 -0.49 -16.69
C VAL I 14 12.22 -0.49 -17.62
N ASP I 15 12.11 0.32 -18.67
CA ASP I 15 13.14 0.46 -19.70
C ASP I 15 13.86 1.78 -19.46
N LEU I 16 15.14 1.69 -19.10
CA LEU I 16 15.95 2.87 -18.78
C LEU I 16 16.85 3.30 -19.94
N ASP I 17 16.52 2.89 -21.16
CA ASP I 17 17.34 3.24 -22.31
C ASP I 17 17.29 4.75 -22.57
N PRO I 18 18.33 5.30 -23.22
CA PRO I 18 18.34 6.70 -23.66
C PRO I 18 17.56 6.88 -24.96
N ASN I 26 19.69 -2.35 -19.13
CA ASN I 26 18.98 -1.10 -18.90
C ASN I 26 17.53 -1.34 -18.55
N GLN I 27 17.24 -2.55 -18.07
CA GLN I 27 15.87 -2.99 -17.79
C GLN I 27 15.80 -3.41 -16.33
N ARG I 28 14.95 -2.75 -15.55
CA ARG I 28 15.00 -2.90 -14.10
C ARG I 28 13.60 -3.01 -13.50
N PRO I 29 13.44 -3.77 -12.43
CA PRO I 29 12.14 -3.81 -11.74
C PRO I 29 11.95 -2.65 -10.77
N ALA I 30 10.69 -2.22 -10.64
CA ALA I 30 10.33 -1.11 -9.77
C ALA I 30 8.87 -1.27 -9.36
N VAL I 31 8.52 -0.74 -8.18
CA VAL I 31 7.16 -0.83 -7.66
C VAL I 31 6.44 0.48 -7.93
N VAL I 32 5.24 0.40 -8.50
CA VAL I 32 4.44 1.59 -8.74
C VAL I 32 3.87 2.08 -7.41
N VAL I 33 4.10 3.36 -7.11
CA VAL I 33 3.63 3.95 -5.87
C VAL I 33 2.71 5.16 -6.07
N SER I 34 2.62 5.70 -7.29
CA SER I 34 1.63 6.73 -7.55
C SER I 34 0.24 6.13 -7.54
N ASN I 35 -0.76 6.96 -7.24
CA ASN I 35 -2.12 6.44 -7.12
C ASN I 35 -2.70 6.14 -8.51
N ASP I 36 -3.75 5.32 -8.51
CA ASP I 36 -4.25 4.76 -9.76
C ASP I 36 -4.99 5.79 -10.60
N ARG I 37 -5.56 6.82 -9.99
CA ARG I 37 -6.14 7.90 -10.79
C ARG I 37 -5.05 8.61 -11.59
N ALA I 38 -3.96 8.97 -10.92
CA ALA I 38 -2.84 9.60 -11.60
C ALA I 38 -2.23 8.68 -12.65
N ASN I 39 -2.20 7.38 -12.39
CA ASN I 39 -1.66 6.45 -13.39
C ASN I 39 -2.57 6.37 -14.61
N ALA I 40 -3.87 6.23 -14.39
CA ALA I 40 -4.82 6.15 -15.50
C ALA I 40 -4.76 7.41 -16.36
N THR I 41 -4.63 8.58 -15.74
CA THR I 41 -4.40 9.81 -16.50
C THR I 41 -3.07 9.75 -17.24
N ALA I 42 -2.05 9.19 -16.60
CA ALA I 42 -0.69 9.22 -17.13
C ALA I 42 -0.57 8.40 -18.41
N THR I 43 -1.26 7.25 -18.48
CA THR I 43 -1.16 6.45 -19.70
C THR I 43 -1.67 7.21 -20.91
N ARG I 44 -2.60 8.14 -20.72
CA ARG I 44 -3.13 8.95 -21.82
C ARG I 44 -2.28 10.18 -22.10
N LEU I 45 -1.77 10.86 -21.06
CA LEU I 45 -0.94 12.04 -21.31
C LEU I 45 0.28 11.70 -22.15
N GLY I 48 3.38 12.17 -19.73
CA GLY I 48 2.97 11.73 -18.40
C GLY I 48 4.01 10.87 -17.72
N VAL I 49 4.01 10.88 -16.38
CA VAL I 49 4.98 10.14 -15.59
C VAL I 49 4.25 9.32 -14.53
N ILE I 50 4.90 8.24 -14.11
CA ILE I 50 4.47 7.40 -13.01
C ILE I 50 5.58 7.35 -11.98
N THR I 51 5.21 7.46 -10.70
CA THR I 51 6.17 7.41 -9.62
C THR I 51 6.38 5.97 -9.19
N VAL I 52 7.65 5.53 -9.19
CA VAL I 52 8.03 4.16 -8.87
C VAL I 52 9.15 4.18 -7.85
N VAL I 53 9.36 3.03 -7.24
CA VAL I 53 10.41 2.78 -6.25
C VAL I 53 11.30 1.68 -6.81
N PRO I 54 12.57 1.96 -7.11
CA PRO I 54 13.43 0.94 -7.70
C PRO I 54 13.58 -0.28 -6.81
N VAL I 55 13.75 -1.43 -7.46
CA VAL I 55 13.89 -2.72 -6.78
C VAL I 55 15.26 -3.30 -7.11
N THR I 56 15.97 -3.78 -6.10
CA THR I 56 17.27 -4.40 -6.29
C THR I 56 17.31 -5.75 -5.59
N SER I 57 18.24 -6.60 -6.03
CA SER I 57 18.39 -7.93 -5.46
C SER I 57 19.41 -7.97 -4.33
N ASN I 58 19.97 -6.84 -3.94
CA ASN I 58 20.97 -6.76 -2.87
C ASN I 58 20.24 -6.64 -1.53
N ILE I 59 20.03 -7.77 -0.88
CA ILE I 59 19.25 -7.83 0.35
C ILE I 59 20.12 -8.16 1.56
N ALA I 60 21.44 -7.97 1.45
CA ALA I 60 22.31 -8.24 2.60
C ALA I 60 21.87 -7.46 3.82
N LYS I 61 21.45 -6.20 3.62
CA LYS I 61 20.86 -5.39 4.67
C LYS I 61 19.63 -4.70 4.12
N VAL I 62 18.59 -4.61 4.93
CA VAL I 62 17.34 -3.95 4.57
C VAL I 62 17.17 -2.79 5.54
N TYR I 63 17.41 -1.58 5.06
CA TYR I 63 17.36 -0.39 5.90
C TYR I 63 15.91 0.07 6.06
N PRO I 64 15.64 0.91 7.08
CA PRO I 64 14.24 1.22 7.42
C PRO I 64 13.44 1.84 6.30
N PHE I 65 14.09 2.53 5.35
CA PHE I 65 13.40 3.12 4.21
C PHE I 65 13.36 2.17 3.02
N GLN I 66 13.59 0.87 3.25
CA GLN I 66 13.54 -0.15 2.22
C GLN I 66 12.63 -1.27 2.71
N VAL I 67 12.16 -2.09 1.77
CA VAL I 67 11.18 -3.14 2.06
C VAL I 67 11.62 -4.43 1.41
N LEU I 68 11.61 -5.52 2.19
CA LEU I 68 11.93 -6.84 1.66
C LEU I 68 10.74 -7.39 0.88
N LEU I 69 10.97 -7.73 -0.38
CA LEU I 69 9.97 -8.37 -1.23
C LEU I 69 10.34 -9.82 -1.40
N SER I 70 9.54 -10.71 -0.81
CA SER I 70 9.84 -12.13 -0.85
C SER I 70 9.56 -12.71 -2.22
N ALA I 71 10.43 -13.62 -2.66
CA ALA I 71 10.30 -14.22 -3.98
C ALA I 71 8.97 -14.94 -4.14
N THR I 72 8.43 -14.89 -5.34
CA THR I 72 7.25 -15.65 -5.72
C THR I 72 7.58 -16.47 -6.95
N THR I 73 6.72 -17.45 -7.25
CA THR I 73 7.01 -18.36 -8.35
C THR I 73 6.80 -17.69 -9.71
N THR I 74 5.81 -16.80 -9.81
CA THR I 74 5.48 -16.15 -11.08
C THR I 74 6.03 -14.74 -11.19
N GLY I 75 6.49 -14.14 -10.11
CA GLY I 75 7.01 -12.78 -10.16
C GLY I 75 8.52 -12.71 -10.08
N LEU I 76 9.03 -12.00 -9.08
CA LEU I 76 10.47 -11.93 -8.85
C LEU I 76 10.95 -13.28 -8.32
N GLN I 77 11.92 -13.89 -9.00
CA GLN I 77 12.35 -15.24 -8.67
C GLN I 77 13.19 -15.30 -7.40
N VAL I 78 13.85 -14.21 -7.02
CA VAL I 78 14.66 -14.16 -5.81
C VAL I 78 14.14 -13.04 -4.92
N ASP I 79 14.45 -13.14 -3.64
CA ASP I 79 14.13 -12.07 -2.71
C ASP I 79 14.80 -10.77 -3.16
N CYS I 80 14.05 -9.67 -3.08
CA CYS I 80 14.55 -8.38 -3.50
C CYS I 80 14.17 -7.36 -2.44
N LYS I 81 14.43 -6.08 -2.72
CA LYS I 81 14.02 -5.02 -1.82
C LYS I 81 13.68 -3.77 -2.62
N ALA I 82 12.61 -3.11 -2.22
CA ALA I 82 12.20 -1.83 -2.77
C ALA I 82 12.88 -0.72 -1.98
N GLN I 83 13.55 0.19 -2.69
CA GLN I 83 14.34 1.24 -2.06
C GLN I 83 13.58 2.55 -2.19
N ALA I 84 12.77 2.84 -1.18
CA ALA I 84 11.95 4.06 -1.20
C ALA I 84 12.79 5.32 -1.19
N GLU I 85 14.04 5.25 -0.71
CA GLU I 85 14.92 6.41 -0.76
C GLU I 85 15.38 6.74 -2.18
N GLN I 86 15.04 5.91 -3.16
CA GLN I 86 15.36 6.14 -4.55
C GLN I 86 14.12 6.41 -5.41
N ILE I 87 13.03 6.84 -4.77
CA ILE I 87 11.77 7.07 -5.48
C ILE I 87 11.98 8.02 -6.64
N ARG I 88 11.37 7.70 -7.79
CA ARG I 88 11.56 8.48 -9.00
C ARG I 88 10.28 8.49 -9.82
N SER I 89 10.00 9.61 -10.47
CA SER I 89 8.90 9.71 -11.43
C SER I 89 9.48 9.59 -12.83
N ILE I 90 9.01 8.58 -13.57
CA ILE I 90 9.59 8.25 -14.87
C ILE I 90 8.49 8.26 -15.93
N ALA I 91 8.92 8.47 -17.19
CA ALA I 91 7.98 8.58 -18.29
C ALA I 91 7.21 7.28 -18.48
N THR I 92 5.90 7.42 -18.76
CA THR I 92 5.01 6.27 -18.87
C THR I 92 5.53 5.24 -19.86
N GLU I 93 6.12 5.71 -20.96
CA GLU I 93 6.58 4.81 -22.01
C GLU I 93 7.62 3.82 -21.52
N ARG I 94 8.34 4.14 -20.44
CA ARG I 94 9.33 3.22 -19.90
C ARG I 94 8.70 1.99 -19.24
N LEU I 95 7.43 2.08 -18.84
CA LEU I 95 6.75 0.97 -18.18
C LEU I 95 6.42 -0.09 -19.21
N LEU I 96 7.16 -1.20 -19.20
CA LEU I 96 7.04 -2.23 -20.22
C LEU I 96 5.98 -3.26 -19.90
N ARG I 97 6.17 -4.02 -18.83
CA ARG I 97 5.32 -5.15 -18.51
C ARG I 97 5.14 -5.25 -17.00
N PRO I 98 4.03 -5.81 -16.53
CA PRO I 98 3.94 -6.17 -15.12
C PRO I 98 4.62 -7.50 -14.83
N ILE I 99 5.45 -7.48 -13.80
CA ILE I 99 6.09 -8.67 -13.23
C ILE I 99 5.18 -9.32 -12.18
N GLY I 100 4.56 -8.53 -11.32
CA GLY I 100 3.69 -9.07 -10.31
C GLY I 100 3.11 -8.00 -9.41
N ARG I 101 2.64 -8.42 -8.24
CA ARG I 101 2.08 -7.53 -7.23
C ARG I 101 2.76 -7.78 -5.90
N VAL I 102 3.15 -6.71 -5.22
CA VAL I 102 3.57 -6.83 -3.83
C VAL I 102 2.35 -7.16 -2.99
N SER I 103 2.54 -7.91 -1.91
CA SER I 103 1.45 -8.21 -1.02
C SER I 103 0.97 -6.94 -0.32
N ALA I 104 -0.21 -7.03 0.30
CA ALA I 104 -0.71 -5.89 1.05
C ALA I 104 0.18 -5.59 2.25
N ALA I 105 0.82 -6.62 2.82
CA ALA I 105 1.77 -6.39 3.90
C ALA I 105 3.01 -5.68 3.39
N GLU I 106 3.56 -6.14 2.27
CA GLU I 106 4.72 -5.48 1.67
C GLU I 106 4.41 -4.04 1.31
N LEU I 107 3.19 -3.79 0.81
CA LEU I 107 2.82 -2.42 0.43
C LEU I 107 2.56 -1.54 1.64
N ALA I 108 2.06 -2.11 2.74
CA ALA I 108 1.94 -1.34 3.97
C ALA I 108 3.32 -0.94 4.49
N GLN I 109 4.27 -1.89 4.47
CA GLN I 109 5.64 -1.57 4.82
C GLN I 109 6.21 -0.50 3.89
N LEU I 110 5.82 -0.54 2.61
CA LEU I 110 6.32 0.46 1.66
C LEU I 110 5.71 1.82 1.94
N ASP I 111 4.44 1.86 2.35
CA ASP I 111 3.84 3.11 2.79
C ASP I 111 4.61 3.69 3.96
N GLU I 112 4.93 2.85 4.95
CA GLU I 112 5.68 3.33 6.10
C GLU I 112 7.07 3.84 5.70
N ALA I 113 7.73 3.14 4.78
CA ALA I 113 9.05 3.56 4.33
C ALA I 113 8.97 4.89 3.58
N LEU I 114 7.92 5.08 2.78
CA LEU I 114 7.75 6.34 2.07
C LEU I 114 7.48 7.49 3.02
N LYS I 115 6.64 7.26 4.04
CA LYS I 115 6.37 8.32 5.00
C LYS I 115 7.62 8.65 5.82
N LEU I 116 8.40 7.63 6.17
CA LEU I 116 9.66 7.88 6.87
C LEU I 116 10.61 8.71 6.01
N HIS I 117 10.79 8.32 4.75
CA HIS I 117 11.75 9.01 3.90
C HIS I 117 11.30 10.42 3.55
N LEU I 118 10.00 10.65 3.39
CA LEU I 118 9.48 11.93 2.96
C LEU I 118 8.96 12.79 4.11
N ASP I 119 9.13 12.35 5.36
CA ASP I 119 8.78 13.16 6.53
C ASP I 119 7.28 13.44 6.57
N LEU I 120 6.49 12.41 6.31
CA LEU I 120 5.04 12.49 6.27
C LEU I 120 4.44 11.67 7.41
N TRP I 121 3.28 12.11 7.90
CA TRP I 121 2.61 11.44 9.00
C TRP I 121 1.16 11.15 8.64
N SER I 122 0.67 10.00 9.10
CA SER I 122 -0.70 9.53 8.87
C SER I 122 -0.94 9.18 7.40
N ASP J 3 29.75 24.37 4.07
CA ASP J 3 28.94 23.51 3.22
C ASP J 3 27.46 23.84 3.38
N LEU J 4 26.77 24.02 2.26
CA LEU J 4 25.37 24.41 2.27
C LEU J 4 24.51 23.25 2.74
N MET J 5 23.76 23.47 3.83
CA MET J 5 22.91 22.44 4.40
C MET J 5 21.57 22.40 3.67
N MET J 6 21.24 21.26 3.09
CA MET J 6 19.96 21.08 2.41
C MET J 6 18.91 20.71 3.45
N ARG J 7 17.78 21.41 3.42
CA ARG J 7 16.72 21.21 4.41
C ARG J 7 15.37 21.11 3.74
N ARG J 8 14.49 20.30 4.35
CA ARG J 8 13.17 20.06 3.78
C ARG J 8 12.36 21.35 3.75
N GLY J 9 11.64 21.55 2.65
CA GLY J 9 10.86 22.75 2.46
C GLY J 9 11.62 23.91 1.87
N GLU J 10 12.91 23.76 1.63
CA GLU J 10 13.70 24.80 1.00
C GLU J 10 13.78 24.55 -0.50
N ILE J 11 13.83 25.65 -1.26
CA ILE J 11 13.81 25.63 -2.72
C ILE J 11 15.26 25.71 -3.20
N TRP J 12 15.67 24.76 -4.01
CA TRP J 12 17.00 24.74 -4.60
C TRP J 12 16.90 24.71 -6.12
N GLN J 13 17.88 25.32 -6.77
CA GLN J 13 18.04 25.21 -8.21
C GLN J 13 18.72 23.88 -8.52
N VAL J 14 18.06 23.03 -9.30
CA VAL J 14 18.57 21.69 -9.53
C VAL J 14 18.78 21.45 -11.02
N ASP J 15 19.70 20.53 -11.31
CA ASP J 15 20.07 20.13 -12.67
C ASP J 15 19.38 18.80 -12.97
N LEU J 16 18.34 18.83 -13.79
CA LEU J 16 17.60 17.64 -14.15
C LEU J 16 17.94 17.13 -15.55
N ASP J 17 19.01 17.62 -16.15
CA ASP J 17 19.36 17.06 -17.45
C ASP J 17 20.14 15.77 -17.26
N PRO J 18 19.83 14.73 -18.04
CA PRO J 18 20.62 13.49 -17.94
C PRO J 18 22.08 13.66 -18.31
N ALA J 19 22.39 14.57 -19.22
CA ALA J 19 23.76 14.72 -19.70
C ALA J 19 24.61 15.63 -18.82
N ARG J 20 23.98 16.43 -17.95
CA ARG J 20 24.69 17.35 -17.07
C ARG J 20 25.50 18.38 -17.86
N ALA J 24 23.04 21.34 -20.01
CA ALA J 24 22.24 21.69 -21.19
C ALA J 24 21.12 22.66 -20.81
N ASN J 25 21.22 23.20 -19.59
CA ASN J 25 20.32 24.25 -19.11
C ASN J 25 18.88 23.78 -19.02
N ASN J 26 18.70 22.54 -18.57
CA ASN J 26 17.42 22.10 -18.02
C ASN J 26 17.44 22.14 -16.51
N GLN J 27 17.91 23.26 -15.97
CA GLN J 27 17.93 23.52 -14.54
C GLN J 27 16.67 24.27 -14.14
N ARG J 28 16.10 23.91 -13.00
CA ARG J 28 14.87 24.56 -12.56
C ARG J 28 14.75 24.39 -11.05
N PRO J 29 13.93 25.20 -10.39
CA PRO J 29 13.78 25.09 -8.94
C PRO J 29 13.03 23.83 -8.54
N ALA J 30 13.24 23.42 -7.30
CA ALA J 30 12.65 22.21 -6.74
C ALA J 30 12.67 22.32 -5.22
N VAL J 31 11.65 21.76 -4.59
CA VAL J 31 11.54 21.80 -3.13
C VAL J 31 12.10 20.51 -2.56
N VAL J 32 12.98 20.62 -1.57
CA VAL J 32 13.50 19.44 -0.91
C VAL J 32 12.40 18.83 -0.05
N VAL J 33 12.15 17.53 -0.21
CA VAL J 33 11.05 16.88 0.50
C VAL J 33 11.52 15.66 1.28
N SER J 34 12.76 15.22 1.05
CA SER J 34 13.32 14.16 1.88
C SER J 34 13.54 14.67 3.30
N ASN J 35 13.58 13.74 4.25
CA ASN J 35 13.68 14.14 5.65
C ASN J 35 15.07 14.67 5.95
N ASP J 36 15.15 15.48 7.02
CA ASP J 36 16.36 16.21 7.34
C ASP J 36 17.43 15.36 8.01
N ARG J 37 17.12 14.16 8.47
CA ARG J 37 18.18 13.25 8.90
C ARG J 37 18.98 12.78 7.69
N ALA J 38 18.28 12.36 6.63
CA ALA J 38 18.94 12.05 5.38
C ALA J 38 19.64 13.27 4.79
N ASN J 39 18.94 14.42 4.79
CA ASN J 39 19.52 15.63 4.21
C ASN J 39 20.80 16.03 4.94
N ALA J 40 20.77 16.02 6.28
CA ALA J 40 21.95 16.39 7.05
C ALA J 40 23.07 15.37 6.89
N THR J 41 22.72 14.09 6.70
CA THR J 41 23.76 13.10 6.43
C THR J 41 24.44 13.36 5.08
N ALA J 42 23.63 13.63 4.05
CA ALA J 42 24.20 13.93 2.73
C ALA J 42 25.06 15.19 2.79
N THR J 43 24.63 16.19 3.55
CA THR J 43 25.44 17.39 3.72
C THR J 43 26.77 17.06 4.41
N ARG J 44 26.71 16.32 5.52
CA ARG J 44 27.89 16.05 6.31
C ARG J 44 28.90 15.21 5.53
N LEU J 45 28.43 14.26 4.73
CA LEU J 45 29.33 13.41 3.96
C LEU J 45 29.70 14.01 2.60
N GLY J 46 29.01 15.06 2.15
CA GLY J 46 29.29 15.63 0.85
C GLY J 46 28.81 14.80 -0.32
N ARG J 47 28.17 13.66 -0.07
CA ARG J 47 27.58 12.83 -1.11
C ARG J 47 26.26 12.28 -0.60
N GLY J 48 25.42 11.84 -1.51
CA GLY J 48 24.17 11.22 -1.15
C GLY J 48 23.10 11.47 -2.19
N VAL J 49 21.86 11.20 -1.79
CA VAL J 49 20.70 11.31 -2.67
C VAL J 49 19.62 12.12 -1.95
N ILE J 50 19.14 13.16 -2.60
CA ILE J 50 18.09 14.04 -2.06
C ILE J 50 16.84 13.84 -2.90
N THR J 51 15.68 13.84 -2.24
CA THR J 51 14.40 13.74 -2.93
C THR J 51 13.76 15.13 -3.01
N VAL J 52 13.39 15.53 -4.23
CA VAL J 52 12.88 16.87 -4.48
C VAL J 52 11.60 16.80 -5.30
N VAL J 53 10.88 17.92 -5.30
CA VAL J 53 9.65 18.11 -6.05
C VAL J 53 9.86 19.28 -7.01
N PRO J 54 9.90 19.04 -8.32
CA PRO J 54 10.14 20.13 -9.27
C PRO J 54 9.06 21.21 -9.18
N VAL J 55 9.49 22.43 -9.46
CA VAL J 55 8.64 23.62 -9.40
C VAL J 55 8.57 24.22 -10.80
N THR J 56 7.39 24.71 -11.18
CA THR J 56 7.21 25.30 -12.49
C THR J 56 6.53 26.66 -12.39
N SER J 57 6.87 27.54 -13.33
CA SER J 57 6.25 28.85 -13.49
C SER J 57 5.01 28.81 -14.36
N ASN J 58 4.47 27.63 -14.62
CA ASN J 58 3.21 27.46 -15.35
C ASN J 58 2.14 27.15 -14.30
N ILE J 59 1.43 28.20 -13.88
CA ILE J 59 0.43 28.07 -12.83
C ILE J 59 -0.96 28.19 -13.45
N ALA J 60 -1.12 27.59 -14.63
CA ALA J 60 -2.43 27.61 -15.31
C ALA J 60 -3.51 27.03 -14.40
N LYS J 61 -3.33 25.77 -13.99
CA LYS J 61 -4.25 25.10 -13.08
C LYS J 61 -3.45 24.41 -11.98
N VAL J 62 -3.93 24.53 -10.74
CA VAL J 62 -3.28 23.95 -9.58
C VAL J 62 -4.16 22.82 -9.09
N TYR J 63 -3.74 21.59 -9.38
CA TYR J 63 -4.48 20.41 -8.96
C TYR J 63 -4.20 20.09 -7.49
N PRO J 64 -5.04 19.26 -6.86
CA PRO J 64 -4.82 18.97 -5.43
C PRO J 64 -3.48 18.31 -5.12
N PHE J 65 -2.79 17.75 -6.10
CA PHE J 65 -1.46 17.20 -5.88
C PHE J 65 -0.35 18.19 -6.23
N GLN J 66 -0.69 19.47 -6.40
CA GLN J 66 0.28 20.52 -6.66
C GLN J 66 0.03 21.66 -5.68
N VAL J 67 1.05 22.47 -5.44
CA VAL J 67 0.98 23.49 -4.40
C VAL J 67 1.42 24.84 -4.96
N LEU J 68 0.58 25.86 -4.76
CA LEU J 68 0.93 27.22 -5.16
C LEU J 68 1.99 27.78 -4.20
N LEU J 69 3.10 28.23 -4.75
CA LEU J 69 4.18 28.85 -3.99
C LEU J 69 4.20 30.33 -4.32
N SER J 70 3.89 31.17 -3.33
CA SER J 70 3.82 32.60 -3.54
C SER J 70 5.21 33.19 -3.68
N ALA J 71 5.34 34.17 -4.59
CA ALA J 71 6.62 34.82 -4.80
C ALA J 71 7.07 35.56 -3.55
N THR J 72 8.39 35.74 -3.43
CA THR J 72 8.99 36.44 -2.32
C THR J 72 9.91 37.53 -2.86
N THR J 73 10.50 38.30 -1.95
CA THR J 73 11.53 39.25 -2.35
C THR J 73 12.88 38.57 -2.50
N THR J 74 13.12 37.50 -1.72
CA THR J 74 14.40 36.83 -1.66
C THR J 74 14.51 35.66 -2.62
N GLY J 75 13.49 34.82 -2.72
CA GLY J 75 13.57 33.63 -3.54
C GLY J 75 12.97 33.75 -4.92
N LEU J 76 11.93 32.94 -5.20
CA LEU J 76 11.26 33.02 -6.49
C LEU J 76 10.56 34.36 -6.64
N GLN J 77 10.83 35.04 -7.75
CA GLN J 77 10.29 36.37 -8.00
C GLN J 77 8.91 36.33 -8.64
N VAL J 78 8.47 35.18 -9.12
CA VAL J 78 7.12 35.00 -9.63
C VAL J 78 6.49 33.82 -8.92
N ASP J 79 5.16 33.86 -8.77
CA ASP J 79 4.45 32.73 -8.21
C ASP J 79 4.72 31.48 -9.05
N CYS J 80 4.76 30.34 -8.37
CA CYS J 80 5.07 29.09 -9.05
C CYS J 80 4.19 28.00 -8.45
N LYS J 81 4.41 26.75 -8.88
CA LYS J 81 3.74 25.64 -8.23
C LYS J 81 4.68 24.45 -8.16
N ALA J 82 4.66 23.80 -7.00
CA ALA J 82 5.37 22.54 -6.80
C ALA J 82 4.51 21.40 -7.32
N GLN J 83 5.13 20.52 -8.10
CA GLN J 83 4.47 19.39 -8.75
C GLN J 83 4.86 18.12 -8.00
N ALA J 84 4.08 17.79 -6.96
CA ALA J 84 4.36 16.58 -6.20
C ALA J 84 4.29 15.34 -7.09
N GLU J 85 3.55 15.41 -8.20
CA GLU J 85 3.47 14.28 -9.12
C GLU J 85 4.76 14.07 -9.90
N GLN J 86 5.72 15.00 -9.81
CA GLN J 86 7.01 14.86 -10.47
C GLN J 86 8.14 14.58 -9.49
N ILE J 87 7.80 14.12 -8.28
CA ILE J 87 8.80 13.89 -7.24
C ILE J 87 9.88 12.95 -7.76
N ARG J 88 11.14 13.24 -7.42
CA ARG J 88 12.22 12.39 -7.88
C ARG J 88 13.43 12.55 -6.96
N SER J 89 14.18 11.46 -6.83
CA SER J 89 15.43 11.46 -6.08
C SER J 89 16.60 11.66 -7.04
N ILE J 90 17.56 12.48 -6.62
CA ILE J 90 18.69 12.89 -7.46
C ILE J 90 19.93 12.93 -6.59
N ALA J 91 21.09 12.77 -7.23
CA ALA J 91 22.35 12.91 -6.53
C ALA J 91 22.54 14.34 -6.03
N THR J 92 23.20 14.48 -4.89
CA THR J 92 23.34 15.80 -4.26
C THR J 92 24.08 16.78 -5.16
N GLU J 93 24.99 16.28 -6.01
CA GLU J 93 25.74 17.17 -6.89
C GLU J 93 24.87 17.82 -7.96
N ARG J 94 23.63 17.37 -8.13
CA ARG J 94 22.70 18.05 -9.02
C ARG J 94 22.01 19.23 -8.37
N LEU J 95 22.14 19.39 -7.06
CA LEU J 95 21.65 20.59 -6.37
C LEU J 95 22.70 21.68 -6.49
N LEU J 96 22.38 22.73 -7.23
CA LEU J 96 23.39 23.72 -7.59
C LEU J 96 23.53 24.80 -6.53
N ARG J 97 22.42 25.46 -6.18
CA ARG J 97 22.48 26.58 -5.25
C ARG J 97 21.10 26.74 -4.62
N PRO J 98 21.02 27.22 -3.38
CA PRO J 98 19.71 27.48 -2.77
C PRO J 98 19.12 28.78 -3.28
N ILE J 99 17.80 28.76 -3.47
CA ILE J 99 17.04 29.91 -3.92
C ILE J 99 16.22 30.52 -2.79
N GLY J 100 15.47 29.68 -2.06
CA GLY J 100 14.62 30.16 -1.00
C GLY J 100 14.01 29.09 -0.12
N ARG J 101 12.76 29.31 0.30
CA ARG J 101 12.11 28.44 1.28
C ARG J 101 10.61 28.69 1.24
N VAL J 102 9.83 27.63 1.11
CA VAL J 102 8.38 27.76 1.14
C VAL J 102 7.92 28.09 2.57
N SER J 103 6.73 28.65 2.68
CA SER J 103 6.17 28.97 3.98
C SER J 103 5.76 27.70 4.70
N ALA J 104 5.46 27.83 6.01
CA ALA J 104 5.01 26.68 6.79
C ALA J 104 3.69 26.15 6.23
N ALA J 105 2.77 27.06 5.91
CA ALA J 105 1.50 26.64 5.33
C ALA J 105 1.70 25.94 3.99
N GLU J 106 2.59 26.48 3.15
CA GLU J 106 2.87 25.84 1.87
C GLU J 106 3.50 24.47 2.04
N LEU J 107 4.31 24.28 3.09
CA LEU J 107 4.92 22.98 3.33
C LEU J 107 3.89 21.97 3.83
N ALA J 108 2.95 22.42 4.66
CA ALA J 108 1.85 21.54 5.05
C ALA J 108 1.02 21.14 3.84
N GLN J 109 0.68 22.12 2.99
CA GLN J 109 0.03 21.84 1.72
C GLN J 109 0.80 20.80 0.92
N LEU J 110 2.12 20.92 0.90
CA LEU J 110 2.93 19.97 0.12
C LEU J 110 2.93 18.59 0.76
N ASP J 111 2.88 18.52 2.09
CA ASP J 111 2.68 17.24 2.75
C ASP J 111 1.40 16.57 2.27
N GLU J 112 0.30 17.33 2.28
CA GLU J 112 -0.97 16.76 1.83
C GLU J 112 -0.92 16.37 0.35
N ALA J 113 -0.23 17.15 -0.47
CA ALA J 113 -0.14 16.83 -1.89
C ALA J 113 0.65 15.55 -2.11
N LEU J 114 1.73 15.35 -1.36
CA LEU J 114 2.50 14.12 -1.47
C LEU J 114 1.69 12.91 -0.99
N LYS J 115 1.00 13.06 0.14
CA LYS J 115 0.18 11.97 0.65
C LYS J 115 -0.95 11.62 -0.32
N LEU J 116 -1.48 12.61 -1.04
CA LEU J 116 -2.53 12.33 -2.02
C LEU J 116 -1.96 11.64 -3.25
N HIS J 117 -0.88 12.20 -3.82
CA HIS J 117 -0.29 11.59 -5.01
C HIS J 117 0.20 10.18 -4.76
N LEU J 118 0.66 9.88 -3.55
CA LEU J 118 1.27 8.60 -3.25
C LEU J 118 0.37 7.67 -2.44
N ASP J 119 -0.88 8.05 -2.21
CA ASP J 119 -1.82 7.25 -1.42
C ASP J 119 -1.24 6.89 -0.06
N LEU J 120 -0.75 7.91 0.64
CA LEU J 120 -0.25 7.76 1.99
C LEU J 120 -1.19 8.34 3.03
N TRP J 121 -2.39 8.79 2.63
CA TRP J 121 -3.33 9.34 3.59
C TRP J 121 -3.85 8.25 4.51
N SER J 122 -4.44 8.69 5.62
CA SER J 122 -5.04 7.77 6.58
C SER J 122 -6.56 7.79 6.46
N PRO K 6 -7.28 10.23 17.03
CA PRO K 6 -6.12 10.85 17.68
C PRO K 6 -6.05 10.53 19.18
N VAL K 7 -5.03 9.79 19.58
CA VAL K 7 -4.84 9.44 20.99
C VAL K 7 -4.25 10.64 21.72
N LYS K 8 -4.78 10.91 22.91
CA LYS K 8 -4.28 11.99 23.76
C LYS K 8 -3.65 11.41 25.02
N LEU K 9 -2.58 12.04 25.49
CA LEU K 9 -1.85 11.59 26.66
C LEU K 9 -1.57 12.77 27.57
N SER K 10 -1.58 12.50 28.88
CA SER K 10 -1.01 13.40 29.86
C SER K 10 0.35 12.83 30.26
N VAL K 11 1.41 13.60 30.00
CA VAL K 11 2.77 13.15 30.28
C VAL K 11 3.47 14.19 31.15
N SER K 12 4.50 13.73 31.86
CA SER K 12 5.29 14.56 32.75
C SER K 12 6.68 14.73 32.17
N LEU K 13 7.04 15.97 31.86
CA LEU K 13 8.35 16.31 31.33
C LEU K 13 8.94 17.44 32.15
N SER K 14 10.26 17.38 32.37
CA SER K 14 10.92 18.40 33.15
C SER K 14 10.95 19.73 32.38
N ASP K 15 11.24 20.80 33.12
CA ASP K 15 11.34 22.12 32.49
C ASP K 15 12.39 22.12 31.39
N ASP K 16 13.56 21.52 31.66
CA ASP K 16 14.59 21.43 30.64
C ASP K 16 14.13 20.63 29.43
N ASP K 17 13.43 19.52 29.67
CA ASP K 17 12.94 18.70 28.56
C ASP K 17 11.95 19.48 27.69
N VAL K 18 11.03 20.22 28.32
CA VAL K 18 10.08 21.00 27.55
C VAL K 18 10.79 22.14 26.82
N ALA K 19 11.85 22.70 27.41
CA ALA K 19 12.62 23.72 26.71
C ALA K 19 13.30 23.14 25.47
N ILE K 20 13.86 21.93 25.60
CA ILE K 20 14.47 21.26 24.45
C ILE K 20 13.43 21.02 23.37
N LEU K 21 12.25 20.53 23.77
CA LEU K 21 11.19 20.26 22.80
C LEU K 21 10.75 21.52 22.09
N ASP K 22 10.54 22.62 22.83
CA ASP K 22 10.14 23.87 22.21
C ASP K 22 11.23 24.38 21.27
N ALA K 23 12.50 24.19 21.63
CA ALA K 23 13.59 24.60 20.76
C ALA K 23 13.59 23.79 19.47
N TYR K 24 13.32 22.48 19.56
CA TYR K 24 13.22 21.69 18.34
C TYR K 24 12.03 22.13 17.50
N VAL K 25 10.95 22.55 18.15
CA VAL K 25 9.76 23.00 17.43
C VAL K 25 10.06 24.27 16.65
N LYS K 26 10.59 25.29 17.32
CA LYS K 26 11.01 26.51 16.63
C LYS K 26 12.02 26.19 15.55
N ARG K 27 12.94 25.29 15.85
CA ARG K 27 14.04 24.98 14.92
C ARG K 27 13.52 24.35 13.64
N ALA K 28 12.52 23.46 13.75
CA ALA K 28 11.98 22.74 12.61
C ALA K 28 10.71 23.40 12.07
N GLY K 29 10.32 24.55 12.58
CA GLY K 29 9.14 25.25 12.08
C GLY K 29 7.86 24.45 12.22
N LEU K 30 7.71 23.72 13.32
CA LEU K 30 6.58 22.86 13.58
C LEU K 30 5.49 23.64 14.32
N PRO K 31 4.22 23.25 14.16
CA PRO K 31 3.13 24.04 14.75
C PRO K 31 2.87 23.76 16.22
N SER K 32 3.35 22.64 16.77
CA SER K 32 3.00 22.34 18.15
C SER K 32 3.98 21.35 18.76
N ARG K 33 4.01 21.37 20.10
CA ARG K 33 4.75 20.39 20.88
C ARG K 33 4.36 18.97 20.51
N SER K 34 3.08 18.74 20.18
CA SER K 34 2.66 17.40 19.77
C SER K 34 3.36 16.96 18.50
N ALA K 35 3.42 17.84 17.50
CA ALA K 35 4.16 17.52 16.28
C ALA K 35 5.64 17.28 16.59
N GLY K 36 6.22 18.14 17.45
CA GLY K 36 7.57 17.89 17.92
C GLY K 36 7.74 16.50 18.49
N LEU K 37 6.75 16.03 19.24
CA LEU K 37 6.86 14.72 19.88
C LEU K 37 6.63 13.58 18.90
N GLN K 38 5.85 13.83 17.84
CA GLN K 38 5.77 12.83 16.77
C GLN K 38 7.12 12.63 16.11
N HIS K 39 7.80 13.73 15.76
CA HIS K 39 9.15 13.64 15.24
C HIS K 39 10.06 12.89 16.22
N ALA K 40 9.97 13.22 17.51
CA ALA K 40 10.82 12.56 18.50
C ALA K 40 10.56 11.06 18.56
N ILE K 41 9.29 10.65 18.48
CA ILE K 41 8.97 9.23 18.53
C ILE K 41 9.53 8.51 17.33
N ARG K 42 9.41 9.10 16.14
CA ARG K 42 10.00 8.46 14.96
C ARG K 42 11.51 8.31 15.11
N VAL K 43 12.19 9.35 15.61
CA VAL K 43 13.62 9.24 15.91
C VAL K 43 13.87 8.08 16.87
N LEU K 44 13.01 7.92 17.88
CA LEU K 44 13.11 6.76 18.77
C LEU K 44 13.03 5.46 17.99
N ARG K 45 12.14 5.41 17.00
CA ARG K 45 11.96 4.16 16.27
C ARG K 45 13.16 3.83 15.38
N TYR K 46 13.87 4.83 14.85
CA TYR K 46 15.00 4.59 13.96
C TYR K 46 16.26 5.25 14.50
N PRO K 47 16.96 4.59 15.43
CA PRO K 47 18.10 5.26 16.09
C PRO K 47 19.33 5.45 15.20
N THR K 48 19.56 4.59 14.21
CA THR K 48 20.75 4.68 13.37
C THR K 48 20.42 5.15 11.95
N LEU K 49 19.39 5.99 11.81
CA LEU K 49 18.89 6.32 10.48
C LEU K 49 19.94 7.01 9.62
N GLU K 50 20.74 7.89 10.22
CA GLU K 50 21.78 8.60 9.47
C GLU K 50 22.77 7.61 8.85
N ASP K 51 23.32 6.71 9.67
CA ASP K 51 24.22 5.68 9.17
C ASP K 51 23.52 4.77 8.18
N ASP K 52 22.24 4.49 8.38
CA ASP K 52 21.47 3.69 7.44
C ASP K 52 21.46 4.34 6.06
N TYR K 53 21.25 5.65 6.01
CA TYR K 53 21.28 6.36 4.73
C TYR K 53 22.66 6.34 4.12
N ALA K 54 23.69 6.59 4.94
CA ALA K 54 25.06 6.55 4.42
C ALA K 54 25.36 5.21 3.76
N ASN K 55 25.02 4.11 4.44
CA ASN K 55 25.31 2.79 3.90
C ASN K 55 24.45 2.47 2.68
N ALA K 56 23.16 2.83 2.72
CA ALA K 56 22.29 2.56 1.58
C ALA K 56 22.75 3.30 0.34
N TRP K 57 23.13 4.57 0.50
CA TRP K 57 23.66 5.33 -0.63
C TRP K 57 24.97 4.73 -1.13
N GLN K 58 25.81 4.26 -0.20
CA GLN K 58 27.09 3.68 -0.62
C GLN K 58 26.88 2.40 -1.43
N GLU K 59 25.96 1.54 -0.98
CA GLU K 59 25.66 0.33 -1.74
C GLU K 59 25.05 0.66 -3.10
N TRP K 60 24.09 1.59 -3.11
CA TRP K 60 23.45 2.01 -4.35
C TRP K 60 24.47 2.53 -5.37
N SER K 61 25.32 3.46 -4.95
CA SER K 61 26.35 3.98 -5.85
C SER K 61 27.36 2.91 -6.23
N ALA K 62 27.65 1.99 -5.31
CA ALA K 62 28.63 0.95 -5.59
C ALA K 62 28.13 -0.04 -6.64
N ALA K 63 26.83 -0.27 -6.70
CA ALA K 63 26.28 -1.16 -7.72
C ALA K 63 26.26 -0.46 -9.08
N GLY K 64 26.81 -1.14 -10.09
CA GLY K 64 26.78 -0.61 -11.44
C GLY K 64 25.43 -0.74 -12.12
N ASP K 65 24.56 -1.61 -11.61
CA ASP K 65 23.24 -1.81 -12.19
C ASP K 65 22.24 -0.74 -11.79
N THR K 66 22.66 0.26 -11.02
CA THR K 66 21.75 1.32 -10.59
C THR K 66 21.98 2.64 -11.31
N ASP K 67 23.17 2.86 -11.86
CA ASP K 67 23.46 4.12 -12.56
C ASP K 67 22.48 4.36 -13.69
N ALA K 68 21.94 3.30 -14.29
CA ALA K 68 20.97 3.44 -15.38
C ALA K 68 19.80 4.32 -14.96
N TRP K 69 19.42 4.29 -13.69
CA TRP K 69 18.27 5.07 -13.23
C TRP K 69 18.48 6.57 -13.46
N GLU K 70 19.73 7.02 -13.44
CA GLU K 70 20.00 8.43 -13.69
C GLU K 70 19.39 8.89 -15.00
N GLN K 71 19.31 7.99 -16.00
CA GLN K 71 18.76 8.33 -17.31
C GLN K 71 17.34 8.89 -17.24
N THR K 72 16.65 8.74 -16.11
CA THR K 72 15.28 9.22 -15.99
C THR K 72 15.17 10.58 -15.31
N VAL K 73 16.29 11.19 -14.92
CA VAL K 73 16.24 12.39 -14.08
C VAL K 73 15.46 13.54 -14.72
N GLY K 74 15.35 13.55 -16.05
CA GLY K 74 14.67 14.64 -16.71
C GLY K 74 13.32 14.26 -17.31
N ASP K 75 12.74 13.17 -16.84
CA ASP K 75 11.45 12.74 -17.35
C ASP K 75 10.33 13.67 -16.88
N GLY K 76 9.38 13.94 -17.76
CA GLY K 76 8.25 14.79 -17.44
C GLY K 76 8.56 16.26 -17.36
N VAL K 77 9.81 16.66 -17.55
CA VAL K 77 10.19 18.08 -17.49
C VAL K 77 11.15 18.40 -18.63
N PRO L 6 -7.31 -30.42 -21.22
CA PRO L 6 -7.22 -31.57 -22.11
C PRO L 6 -7.51 -31.22 -23.57
N VAL L 7 -8.38 -30.23 -23.79
CA VAL L 7 -8.68 -29.79 -25.15
C VAL L 7 -7.56 -28.87 -25.62
N LYS L 8 -6.84 -29.30 -26.65
CA LYS L 8 -5.74 -28.53 -27.21
C LYS L 8 -6.28 -27.66 -28.34
N LEU L 9 -6.13 -26.34 -28.20
CA LEU L 9 -6.66 -25.39 -29.16
C LEU L 9 -5.55 -24.52 -29.72
N SER L 10 -5.61 -24.28 -31.03
CA SER L 10 -4.84 -23.23 -31.67
C SER L 10 -5.71 -21.98 -31.72
N VAL L 11 -5.23 -20.89 -31.10
CA VAL L 11 -6.00 -19.65 -31.03
C VAL L 11 -5.15 -18.52 -31.58
N SER L 12 -5.82 -17.54 -32.18
CA SER L 12 -5.19 -16.40 -32.81
C SER L 12 -5.61 -15.13 -32.08
N LEU L 13 -4.64 -14.39 -31.56
CA LEU L 13 -4.89 -13.18 -30.81
C LEU L 13 -3.89 -12.11 -31.23
N SER L 14 -4.30 -10.85 -31.10
CA SER L 14 -3.42 -9.74 -31.47
C SER L 14 -2.32 -9.57 -30.43
N ASP L 15 -1.29 -8.82 -30.82
CA ASP L 15 -0.21 -8.49 -29.89
C ASP L 15 -0.75 -7.81 -28.64
N ASP L 16 -1.68 -6.86 -28.82
CA ASP L 16 -2.27 -6.18 -27.67
C ASP L 16 -3.06 -7.14 -26.80
N ASP L 17 -3.84 -8.04 -27.43
CA ASP L 17 -4.56 -9.06 -26.68
C ASP L 17 -3.60 -9.87 -25.80
N VAL L 18 -2.49 -10.34 -26.39
CA VAL L 18 -1.55 -11.17 -25.65
C VAL L 18 -0.89 -10.37 -24.54
N ALA L 19 -0.61 -9.09 -24.78
CA ALA L 19 -0.03 -8.26 -23.73
C ALA L 19 -0.98 -8.13 -22.55
N ILE L 20 -2.26 -7.85 -22.82
CA ILE L 20 -3.26 -7.76 -21.77
C ILE L 20 -3.35 -9.08 -21.01
N LEU L 21 -3.38 -10.20 -21.74
CA LEU L 21 -3.50 -11.50 -21.11
C LEU L 21 -2.33 -11.78 -20.18
N ASP L 22 -1.10 -11.57 -20.67
CA ASP L 22 0.08 -11.80 -19.83
C ASP L 22 0.07 -10.89 -18.62
N ALA L 23 -0.37 -9.63 -18.80
CA ALA L 23 -0.44 -8.71 -17.66
C ALA L 23 -1.39 -9.23 -16.60
N TYR L 24 -2.56 -9.72 -17.01
CA TYR L 24 -3.47 -10.33 -16.04
C TYR L 24 -2.83 -11.53 -15.35
N VAL L 25 -2.18 -12.40 -16.14
CA VAL L 25 -1.54 -13.59 -15.60
C VAL L 25 -0.52 -13.24 -14.54
N LYS L 26 0.19 -12.11 -14.72
CA LYS L 26 1.18 -11.71 -13.73
C LYS L 26 0.54 -11.03 -12.53
N ARG L 27 -0.50 -10.23 -12.76
CA ARG L 27 -1.23 -9.62 -11.65
C ARG L 27 -1.76 -10.68 -10.70
N ALA L 28 -2.53 -11.63 -11.21
CA ALA L 28 -2.83 -12.78 -10.39
C ALA L 28 -1.60 -13.69 -10.33
N GLY L 29 -1.68 -14.74 -9.51
CA GLY L 29 -0.58 -15.66 -9.39
C GLY L 29 -0.66 -16.79 -10.38
N LEU L 30 -1.31 -16.56 -11.51
CA LEU L 30 -1.63 -17.63 -12.44
C LEU L 30 -0.37 -18.19 -13.09
N PRO L 31 -0.31 -19.50 -13.32
CA PRO L 31 0.91 -20.12 -13.82
C PRO L 31 1.03 -20.20 -15.33
N SER L 32 0.00 -19.83 -16.09
CA SER L 32 0.08 -19.96 -17.54
C SER L 32 -0.97 -19.10 -18.22
N ARG L 33 -0.73 -18.84 -19.50
CA ARG L 33 -1.71 -18.17 -20.35
C ARG L 33 -3.02 -18.93 -20.41
N SER L 34 -2.97 -20.27 -20.27
CA SER L 34 -4.20 -21.05 -20.29
C SER L 34 -5.04 -20.82 -19.04
N ALA L 35 -4.40 -20.76 -17.88
CA ALA L 35 -5.12 -20.38 -16.67
C ALA L 35 -5.65 -18.95 -16.79
N GLY L 36 -4.85 -18.06 -17.38
CA GLY L 36 -5.32 -16.71 -17.65
C GLY L 36 -6.59 -16.71 -18.50
N LEU L 37 -6.62 -17.53 -19.55
CA LEU L 37 -7.78 -17.60 -20.42
C LEU L 37 -8.96 -18.30 -19.75
N GLN L 38 -8.68 -19.15 -18.76
CA GLN L 38 -9.74 -19.75 -17.98
C GLN L 38 -10.44 -18.69 -17.12
N HIS L 39 -9.66 -17.89 -16.40
CA HIS L 39 -10.23 -16.76 -15.67
C HIS L 39 -10.95 -15.81 -16.61
N ALA L 40 -10.38 -15.57 -17.79
CA ALA L 40 -11.00 -14.67 -18.76
C ALA L 40 -12.32 -15.24 -19.27
N ILE L 41 -12.42 -16.57 -19.37
CA ILE L 41 -13.67 -17.18 -19.80
C ILE L 41 -14.72 -17.05 -18.70
N ARG L 42 -14.32 -17.18 -17.44
CA ARG L 42 -15.28 -16.96 -16.36
C ARG L 42 -15.73 -15.50 -16.33
N VAL L 43 -14.82 -14.56 -16.60
CA VAL L 43 -15.20 -13.15 -16.64
C VAL L 43 -16.13 -12.89 -17.82
N LEU L 44 -15.90 -13.59 -18.94
CA LEU L 44 -16.80 -13.50 -20.08
C LEU L 44 -18.19 -14.00 -19.71
N ARG L 45 -18.26 -15.10 -18.96
CA ARG L 45 -19.55 -15.65 -18.54
C ARG L 45 -20.23 -14.75 -17.51
N TYR L 46 -19.45 -14.00 -16.73
CA TYR L 46 -19.98 -13.14 -15.66
C TYR L 46 -19.38 -11.75 -15.78
N PRO L 47 -19.80 -10.96 -16.77
CA PRO L 47 -19.15 -9.66 -17.00
C PRO L 47 -19.55 -8.57 -16.02
N THR L 48 -20.52 -8.80 -15.13
CA THR L 48 -21.12 -7.77 -14.30
C THR L 48 -20.88 -8.00 -12.81
N LEU L 49 -19.85 -8.78 -12.47
CA LEU L 49 -19.72 -9.33 -11.12
C LEU L 49 -19.50 -8.25 -10.08
N GLU L 50 -18.57 -7.31 -10.35
CA GLU L 50 -18.27 -6.25 -9.39
C GLU L 50 -19.53 -5.50 -8.98
N ASP L 51 -20.29 -5.05 -9.98
CA ASP L 51 -21.56 -4.39 -9.71
C ASP L 51 -22.49 -5.28 -8.90
N ASP L 52 -22.57 -6.56 -9.26
CA ASP L 52 -23.45 -7.47 -8.53
C ASP L 52 -23.06 -7.57 -7.05
N TYR L 53 -21.75 -7.62 -6.77
CA TYR L 53 -21.32 -7.67 -5.38
C TYR L 53 -21.66 -6.39 -4.63
N ALA L 54 -21.49 -5.24 -5.29
CA ALA L 54 -21.92 -3.99 -4.67
C ALA L 54 -23.38 -4.05 -4.25
N ASN L 55 -24.26 -4.45 -5.19
CA ASN L 55 -25.69 -4.40 -4.90
C ASN L 55 -26.11 -5.46 -3.89
N ALA L 56 -25.50 -6.65 -3.95
CA ALA L 56 -25.85 -7.70 -2.99
C ALA L 56 -25.40 -7.34 -1.59
N TRP L 57 -24.23 -6.70 -1.46
CA TRP L 57 -23.80 -6.23 -0.16
C TRP L 57 -24.72 -5.14 0.36
N GLN L 58 -25.20 -4.25 -0.52
CA GLN L 58 -26.12 -3.21 -0.09
C GLN L 58 -27.44 -3.82 0.41
N GLU L 59 -28.03 -4.72 -0.37
CA GLU L 59 -29.19 -5.49 0.09
C GLU L 59 -28.95 -6.05 1.49
N TRP L 60 -27.89 -6.87 1.60
CA TRP L 60 -27.55 -7.53 2.85
C TRP L 60 -27.47 -6.56 4.02
N SER L 61 -26.87 -5.38 3.80
CA SER L 61 -26.77 -4.42 4.89
C SER L 61 -28.11 -3.77 5.20
N ALA L 62 -28.91 -3.49 4.17
CA ALA L 62 -30.23 -2.91 4.38
C ALA L 62 -31.08 -3.78 5.29
N ALA L 63 -31.11 -5.08 5.05
CA ALA L 63 -31.83 -5.89 6.02
C ALA L 63 -30.97 -6.07 7.29
N GLY L 64 -31.57 -6.68 8.31
CA GLY L 64 -30.89 -6.92 9.59
C GLY L 64 -29.96 -8.11 9.59
N ASP L 65 -29.72 -8.68 8.40
CA ASP L 65 -28.93 -9.90 8.26
C ASP L 65 -27.55 -9.76 8.86
N THR L 66 -26.80 -8.73 8.45
CA THR L 66 -25.46 -8.51 8.96
C THR L 66 -25.41 -8.64 10.48
N ASP L 67 -26.26 -7.87 11.18
CA ASP L 67 -26.34 -7.97 12.63
C ASP L 67 -26.62 -9.40 13.08
N ALA L 68 -27.72 -10.00 12.60
CA ALA L 68 -28.10 -11.33 13.08
C ALA L 68 -26.96 -12.33 12.90
N TRP L 69 -26.51 -12.52 11.67
CA TRP L 69 -25.47 -13.53 11.40
C TRP L 69 -24.14 -13.20 12.06
N GLU L 70 -23.89 -11.93 12.40
CA GLU L 70 -22.62 -11.58 13.00
C GLU L 70 -22.38 -12.31 14.32
N GLN L 71 -23.44 -12.82 14.97
CA GLN L 71 -23.24 -13.51 16.23
C GLN L 71 -22.57 -14.87 16.07
N THR L 72 -22.46 -15.39 14.85
CA THR L 72 -21.79 -16.65 14.59
C THR L 72 -20.33 -16.48 14.18
N VAL L 73 -19.86 -15.24 14.08
CA VAL L 73 -18.54 -14.95 13.50
C VAL L 73 -17.41 -15.64 14.25
N GLY L 74 -17.61 -15.99 15.51
CA GLY L 74 -16.60 -16.64 16.30
C GLY L 74 -16.77 -18.12 16.53
N ASP L 75 -17.72 -18.76 15.85
CA ASP L 75 -17.99 -20.18 16.08
C ASP L 75 -16.83 -21.04 15.64
N GLY L 76 -16.48 -22.02 16.47
CA GLY L 76 -15.50 -23.03 16.12
C GLY L 76 -14.06 -22.66 16.38
N VAL L 77 -13.75 -21.40 16.70
CA VAL L 77 -12.37 -20.96 16.86
C VAL L 77 -12.22 -20.11 18.11
N GLY L 78 -13.35 -19.78 18.75
CA GLY L 78 -13.37 -18.85 19.87
C GLY L 78 -12.37 -19.09 20.99
#